data_3I2H
#
_entry.id   3I2H
#
_cell.length_a   105.438
_cell.length_b   105.438
_cell.length_c   222.188
_cell.angle_alpha   90.00
_cell.angle_beta   90.00
_cell.angle_gamma   120.00
#
_symmetry.space_group_name_H-M   'P 65 2 2'
#
loop_
_entity.id
_entity.type
_entity.pdbx_description
1 polymer 'Cocaine esterase'
2 non-polymer 'CHLORIDE ION'
3 non-polymer (4S,5S)-4,5-BIS(MERCAPTOMETHYL)-1,3-DIOXOLAN-2-OL
4 non-polymer GLYCEROL
5 non-polymer 'SULFATE ION'
6 water water
#
_entity_poly.entity_id   1
_entity_poly.type   'polypeptide(L)'
_entity_poly.pdbx_seq_one_letter_code
;MVDGNYSVASNVMVPMRDGVRLAVDLYRPDADGPVPVLLVRNPYDKFDVFAWSTQSTNWLEFVRDGYAVVIQDTRGLFAS
EGEFVPHVDDEADAEDTLSWILEQAWCDGNVGMFGVSYLGVTQWQAAVSGVGGLKAIAPSMASADLYRAPWYGPGGALSV
EALLGWSAKIGTGLITSRSDARPEDAADFVQLAAILNDVAGAASVTPLAEQPLLGRLIPWVIDQVVDHPDNDESWQSISL
FERLGGLATPALITAGWYDGFVGESLRTFVAVKDNADARLVVGPWSHSNLTGRNADRKFGIAATYPIQEATTMHKAFFDR
HLRGETDALAGVPKVRLFVMGIDEWRDETDWPLPDTAYTPFYLGGSGAANTSTGGGTLSTSISGTESADTYLYDPADPVP
SLGGTLLFHNGDNGPADQRPIHDRDDVLCYSTEVLTDPVEVTGTVSARLFVSSSAVDTDFTAKLVDVFPDGRAIALCDGI
VRMRYRETLVNPTLIEAGEIYEVAIDMLATSNVFLPGHRIMVQVSSSNFPKYDRNSNTGGVIAREQLEEMCTAVNRIHRG
PEHPSHIVLPIIKRKLAAALEHHHHHH
;
_entity_poly.pdbx_strand_id   A
#
loop_
_chem_comp.id
_chem_comp.type
_chem_comp.name
_chem_comp.formula
CL non-polymer 'CHLORIDE ION' 'Cl -1'
DBC non-polymer (4S,5S)-4,5-BIS(MERCAPTOMETHYL)-1,3-DIOXOLAN-2-OL 'C5 H10 O3 S2'
GOL non-polymer GLYCEROL 'C3 H8 O3'
SO4 non-polymer 'SULFATE ION' 'O4 S -2'
#
# COMPACT_ATOMS: atom_id res chain seq x y z
N VAL A 2 -6.46 18.34 -37.32
CA VAL A 2 -6.91 19.46 -36.45
C VAL A 2 -6.37 19.28 -35.03
N ASP A 3 -5.57 20.25 -34.59
N ASP A 3 -5.56 20.24 -34.57
CA ASP A 3 -5.03 20.30 -33.23
CA ASP A 3 -4.98 20.18 -33.23
C ASP A 3 -6.17 20.19 -32.22
C ASP A 3 -6.03 20.29 -32.13
N GLY A 4 -6.02 19.31 -31.24
CA GLY A 4 -6.98 19.19 -30.15
C GLY A 4 -8.09 18.18 -30.43
N ASN A 5 -8.18 17.70 -31.67
CA ASN A 5 -9.18 16.70 -32.05
C ASN A 5 -8.61 15.28 -32.02
N TYR A 6 -9.47 14.30 -31.82
CA TYR A 6 -9.02 12.91 -31.78
C TYR A 6 -10.11 11.93 -32.15
N SER A 7 -9.73 10.67 -32.34
CA SER A 7 -10.68 9.60 -32.63
C SER A 7 -10.48 8.45 -31.64
N VAL A 8 -11.51 7.63 -31.48
CA VAL A 8 -11.45 6.48 -30.60
C VAL A 8 -11.89 5.24 -31.35
N ALA A 9 -11.01 4.25 -31.39
CA ALA A 9 -11.29 2.96 -32.01
C ALA A 9 -11.38 1.91 -30.92
N SER A 10 -12.51 1.21 -30.86
CA SER A 10 -12.79 0.28 -29.78
C SER A 10 -12.53 -1.17 -30.18
N ASN A 11 -12.04 -1.95 -29.22
CA ASN A 11 -11.83 -3.39 -29.39
C ASN A 11 -10.93 -3.78 -30.55
N VAL A 12 -9.81 -3.07 -30.67
CA VAL A 12 -8.74 -3.47 -31.56
C VAL A 12 -8.05 -4.66 -30.90
N MET A 13 -7.96 -5.79 -31.61
CA MET A 13 -7.46 -7.03 -31.01
C MET A 13 -5.96 -7.24 -31.28
N VAL A 14 -5.21 -7.32 -30.19
CA VAL A 14 -3.74 -7.37 -30.25
C VAL A 14 -3.26 -8.79 -29.89
N PRO A 15 -2.61 -9.47 -30.85
CA PRO A 15 -2.17 -10.84 -30.58
C PRO A 15 -0.93 -10.94 -29.68
N MET A 16 -1.02 -11.78 -28.67
CA MET A 16 0.12 -12.06 -27.81
C MET A 16 0.95 -13.19 -28.43
N ARG A 17 2.11 -13.47 -27.83
CA ARG A 17 3.03 -14.48 -28.38
C ARG A 17 2.41 -15.86 -28.53
N ASP A 18 1.42 -16.15 -27.69
CA ASP A 18 0.74 -17.46 -27.70
C ASP A 18 -0.52 -17.47 -28.57
N GLY A 19 -0.78 -16.37 -29.28
CA GLY A 19 -1.95 -16.29 -30.17
C GLY A 19 -3.21 -15.75 -29.53
N VAL A 20 -3.23 -15.67 -28.20
CA VAL A 20 -4.35 -15.09 -27.46
C VAL A 20 -4.38 -13.59 -27.73
N ARG A 21 -5.55 -13.07 -28.08
CA ARG A 21 -5.70 -11.66 -28.43
C ARG A 21 -6.25 -10.84 -27.27
N LEU A 22 -5.58 -9.73 -26.95
N LEU A 22 -5.59 -9.73 -26.96
CA LEU A 22 -6.07 -8.79 -25.95
CA LEU A 22 -6.07 -8.80 -25.93
C LEU A 22 -6.76 -7.62 -26.64
C LEU A 22 -6.69 -7.55 -26.55
N ALA A 23 -7.85 -7.15 -26.03
CA ALA A 23 -8.60 -6.03 -26.58
C ALA A 23 -8.06 -4.70 -26.09
N VAL A 24 -7.88 -3.75 -27.01
CA VAL A 24 -7.47 -2.39 -26.65
C VAL A 24 -8.40 -1.35 -27.28
N ASP A 25 -8.48 -0.18 -26.65
CA ASP A 25 -9.11 0.98 -27.26
C ASP A 25 -8.01 1.98 -27.58
N LEU A 26 -8.08 2.57 -28.78
CA LEU A 26 -7.08 3.54 -29.24
C LEU A 26 -7.65 4.95 -29.26
N TYR A 27 -7.08 5.83 -28.45
CA TYR A 27 -7.40 7.25 -28.45
C TYR A 27 -6.28 7.93 -29.22
N ARG A 28 -6.55 8.31 -30.47
CA ARG A 28 -5.47 8.80 -31.34
C ARG A 28 -5.73 10.22 -31.81
N PRO A 29 -4.75 11.12 -31.63
CA PRO A 29 -4.94 12.51 -32.03
C PRO A 29 -5.00 12.63 -33.56
N ASP A 30 -5.75 13.64 -33.98
N ASP A 30 -5.76 13.56 -34.10
CA ASP A 30 -5.64 14.25 -35.29
CA ASP A 30 -5.81 13.64 -35.57
C ASP A 30 -4.24 14.85 -35.38
C ASP A 30 -4.45 14.08 -36.11
N ALA A 31 -3.39 14.16 -36.14
N ALA A 31 -3.69 13.15 -36.70
CA ALA A 31 -2.02 14.59 -36.38
CA ALA A 31 -2.28 13.42 -36.98
C ALA A 31 -1.61 14.18 -37.79
C ALA A 31 -1.77 12.98 -38.33
N ASP A 32 -0.50 14.73 -38.27
N ASP A 32 -1.18 13.94 -39.04
CA ASP A 32 -0.05 14.46 -39.63
CA ASP A 32 -0.22 13.61 -40.06
C ASP A 32 0.99 13.33 -39.75
C ASP A 32 1.02 13.27 -39.26
N GLY A 33 1.57 12.94 -38.62
N GLY A 33 1.56 12.09 -39.50
CA GLY A 33 2.56 11.88 -38.60
CA GLY A 33 2.78 11.70 -38.82
C GLY A 33 2.40 10.99 -37.38
C GLY A 33 2.54 11.08 -37.46
N PRO A 34 3.42 10.16 -37.07
CA PRO A 34 3.31 9.35 -35.85
C PRO A 34 3.47 10.20 -34.60
N VAL A 35 2.96 9.67 -33.48
CA VAL A 35 2.92 10.41 -32.23
C VAL A 35 3.46 9.56 -31.07
N PRO A 36 3.85 10.21 -29.95
CA PRO A 36 4.19 9.44 -28.76
C PRO A 36 2.93 8.79 -28.20
N VAL A 37 3.09 7.66 -27.50
CA VAL A 37 1.97 6.82 -27.10
C VAL A 37 2.05 6.49 -25.63
N LEU A 38 0.91 6.52 -24.94
CA LEU A 38 0.82 6.11 -23.54
C LEU A 38 -0.09 4.88 -23.41
N LEU A 39 0.39 3.89 -22.66
CA LEU A 39 -0.35 2.64 -22.47
C LEU A 39 -0.82 2.45 -21.02
N VAL A 40 -2.07 2.00 -20.88
CA VAL A 40 -2.68 1.68 -19.58
C VAL A 40 -3.22 0.26 -19.67
N ARG A 41 -2.83 -0.60 -18.73
CA ARG A 41 -3.29 -1.99 -18.69
C ARG A 41 -4.24 -2.17 -17.49
N ASN A 42 -5.48 -2.57 -17.78
CA ASN A 42 -6.60 -2.42 -16.85
C ASN A 42 -7.40 -3.72 -16.72
N PRO A 43 -7.53 -4.28 -15.48
CA PRO A 43 -8.40 -5.44 -15.26
C PRO A 43 -9.85 -5.09 -14.88
N TYR A 44 -10.21 -3.82 -14.99
CA TYR A 44 -11.52 -3.33 -14.54
C TYR A 44 -12.37 -2.75 -15.68
N ASP A 45 -12.16 -3.27 -16.89
CA ASP A 45 -12.87 -2.86 -18.11
C ASP A 45 -12.31 -1.57 -18.69
N LYS A 46 -11.58 -1.69 -19.79
CA LYS A 46 -11.03 -0.54 -20.47
C LYS A 46 -12.09 0.50 -20.84
N PHE A 47 -13.33 0.07 -21.07
CA PHE A 47 -14.41 1.01 -21.42
C PHE A 47 -14.72 1.95 -20.25
N ASP A 48 -14.54 1.43 -19.03
CA ASP A 48 -14.98 2.14 -17.82
C ASP A 48 -13.90 3.07 -17.33
N VAL A 49 -13.69 4.15 -18.09
CA VAL A 49 -12.61 5.07 -17.80
C VAL A 49 -12.87 5.92 -16.55
N PHE A 50 -14.14 6.16 -16.24
CA PHE A 50 -14.45 6.99 -15.07
C PHE A 50 -14.14 6.29 -13.74
N ALA A 51 -14.09 4.96 -13.74
CA ALA A 51 -13.88 4.20 -12.50
C ALA A 51 -12.53 4.49 -11.84
N TRP A 52 -11.48 4.64 -12.64
CA TRP A 52 -10.12 4.82 -12.12
C TRP A 52 -9.54 6.20 -12.38
N SER A 53 -10.04 6.90 -13.40
CA SER A 53 -9.34 8.08 -13.90
C SER A 53 -9.29 9.22 -12.88
N THR A 54 -10.31 9.30 -12.03
CA THR A 54 -10.36 10.35 -11.01
C THR A 54 -9.29 10.16 -9.93
N GLN A 55 -8.68 8.98 -9.90
CA GLN A 55 -7.56 8.71 -8.99
C GLN A 55 -6.23 8.89 -9.69
N SER A 56 -6.25 9.43 -10.90
CA SER A 56 -5.06 9.50 -11.74
C SER A 56 -4.81 10.88 -12.35
N THR A 57 -5.41 11.12 -13.51
CA THR A 57 -5.07 12.26 -14.34
C THR A 57 -6.25 12.58 -15.23
N ASN A 58 -6.35 13.84 -15.66
CA ASN A 58 -7.29 14.20 -16.71
C ASN A 58 -6.63 13.91 -18.06
N TRP A 59 -6.45 12.64 -18.34
CA TRP A 59 -5.56 12.20 -19.41
C TRP A 59 -6.07 12.47 -20.82
N LEU A 60 -7.33 12.87 -20.97
CA LEU A 60 -7.76 13.34 -22.29
C LEU A 60 -6.98 14.58 -22.71
N GLU A 61 -6.47 15.33 -21.73
N GLU A 61 -6.46 15.31 -21.73
CA GLU A 61 -5.59 16.46 -22.02
CA GLU A 61 -5.57 16.46 -21.98
C GLU A 61 -4.37 15.98 -22.82
C GLU A 61 -4.29 16.04 -22.71
N PHE A 62 -3.85 14.81 -22.48
CA PHE A 62 -2.69 14.25 -23.19
C PHE A 62 -3.03 14.04 -24.66
N VAL A 63 -4.23 13.51 -24.90
CA VAL A 63 -4.69 13.22 -26.26
C VAL A 63 -4.92 14.51 -27.06
N ARG A 64 -5.53 15.50 -26.41
N ARG A 64 -5.52 15.50 -26.41
CA ARG A 64 -5.73 16.80 -27.04
CA ARG A 64 -5.73 16.80 -27.05
C ARG A 64 -4.39 17.47 -27.37
C ARG A 64 -4.41 17.53 -27.31
N ASP A 65 -3.36 17.12 -26.60
CA ASP A 65 -2.03 17.71 -26.77
C ASP A 65 -1.13 16.89 -27.72
N GLY A 66 -1.69 15.82 -28.29
CA GLY A 66 -0.99 15.06 -29.32
C GLY A 66 -0.37 13.72 -28.96
N TYR A 67 -0.69 13.20 -27.77
CA TYR A 67 -0.33 11.82 -27.41
C TYR A 67 -1.44 10.88 -27.81
N ALA A 68 -1.09 9.69 -28.26
CA ALA A 68 -2.07 8.62 -28.34
C ALA A 68 -2.12 7.92 -26.99
N VAL A 69 -3.31 7.44 -26.63
CA VAL A 69 -3.48 6.65 -25.42
C VAL A 69 -4.12 5.33 -25.80
N VAL A 70 -3.53 4.24 -25.31
CA VAL A 70 -4.03 2.88 -25.52
C VAL A 70 -4.45 2.34 -24.16
N ILE A 71 -5.70 1.92 -24.05
CA ILE A 71 -6.17 1.27 -22.82
C ILE A 71 -6.53 -0.17 -23.15
N GLN A 72 -5.97 -1.11 -22.38
CA GLN A 72 -6.08 -2.54 -22.68
C GLN A 72 -6.81 -3.29 -21.57
N ASP A 73 -7.70 -4.21 -21.96
CA ASP A 73 -8.25 -5.20 -21.02
C ASP A 73 -7.18 -6.25 -20.82
N THR A 74 -6.82 -6.52 -19.56
CA THR A 74 -5.86 -7.58 -19.30
C THR A 74 -6.41 -8.93 -19.72
N ARG A 75 -5.52 -9.89 -19.90
CA ARG A 75 -5.87 -11.24 -20.37
C ARG A 75 -7.01 -11.84 -19.56
N GLY A 76 -8.01 -12.35 -20.27
CA GLY A 76 -9.10 -13.11 -19.66
C GLY A 76 -10.23 -12.28 -19.08
N LEU A 77 -10.16 -10.97 -19.26
CA LEU A 77 -11.20 -10.08 -18.72
C LEU A 77 -11.84 -9.23 -19.80
N PHE A 78 -13.13 -8.98 -19.61
CA PHE A 78 -13.94 -8.18 -20.51
C PHE A 78 -13.78 -8.59 -21.97
N ALA A 79 -13.27 -7.70 -22.82
CA ALA A 79 -13.21 -7.99 -24.26
C ALA A 79 -12.00 -8.83 -24.67
N SER A 80 -11.08 -9.07 -23.74
CA SER A 80 -9.89 -9.86 -24.04
C SER A 80 -10.13 -11.37 -24.02
N GLU A 81 -9.38 -12.09 -24.84
CA GLU A 81 -9.40 -13.54 -24.83
C GLU A 81 -8.51 -14.08 -23.70
N GLY A 82 -8.48 -15.39 -23.56
CA GLY A 82 -7.62 -16.03 -22.57
C GLY A 82 -8.25 -16.24 -21.21
N GLU A 83 -7.42 -16.61 -20.25
CA GLU A 83 -7.86 -16.86 -18.88
C GLU A 83 -7.14 -15.90 -17.95
N PHE A 84 -7.89 -15.32 -17.01
CA PHE A 84 -7.32 -14.38 -16.06
C PHE A 84 -6.76 -15.06 -14.83
N VAL A 85 -5.50 -14.76 -14.53
CA VAL A 85 -4.87 -15.08 -13.25
C VAL A 85 -4.05 -13.83 -12.87
N PRO A 86 -4.24 -13.28 -11.66
CA PRO A 86 -3.50 -12.07 -11.30
C PRO A 86 -1.98 -12.20 -11.50
N HIS A 87 -1.37 -11.14 -12.06
CA HIS A 87 0.08 -10.92 -12.10
C HIS A 87 0.90 -11.78 -13.08
N VAL A 88 0.54 -13.06 -13.23
CA VAL A 88 1.45 -14.04 -13.82
C VAL A 88 1.69 -13.88 -15.33
N ASP A 89 0.78 -13.21 -16.02
CA ASP A 89 0.89 -13.03 -17.47
C ASP A 89 1.27 -11.61 -17.88
N ASP A 90 1.37 -10.71 -16.91
CA ASP A 90 1.47 -9.28 -17.22
C ASP A 90 2.82 -8.83 -17.73
N GLU A 91 3.89 -9.49 -17.33
CA GLU A 91 5.22 -9.18 -17.90
C GLU A 91 5.22 -9.47 -19.41
N ALA A 92 4.83 -10.68 -19.78
CA ALA A 92 4.84 -11.10 -21.18
C ALA A 92 3.81 -10.33 -22.01
N ASP A 93 2.61 -10.17 -21.47
CA ASP A 93 1.56 -9.45 -22.19
C ASP A 93 1.89 -7.97 -22.40
N ALA A 94 2.54 -7.35 -21.41
CA ALA A 94 3.01 -5.97 -21.59
C ALA A 94 4.10 -5.91 -22.64
N GLU A 95 5.04 -6.84 -22.60
CA GLU A 95 6.12 -6.85 -23.59
C GLU A 95 5.55 -6.94 -25.00
N ASP A 96 4.62 -7.87 -25.19
CA ASP A 96 4.00 -8.08 -26.50
C ASP A 96 3.15 -6.89 -26.94
N THR A 97 2.46 -6.25 -26.00
CA THR A 97 1.66 -5.08 -26.29
C THR A 97 2.52 -3.88 -26.67
N LEU A 98 3.59 -3.65 -25.91
CA LEU A 98 4.52 -2.56 -26.23
C LEU A 98 5.10 -2.76 -27.62
N SER A 99 5.48 -4.00 -27.91
CA SER A 99 6.05 -4.35 -29.22
C SER A 99 5.06 -4.03 -30.34
N TRP A 100 3.80 -4.43 -30.17
CA TRP A 100 2.76 -4.14 -31.14
C TRP A 100 2.56 -2.64 -31.33
N ILE A 101 2.50 -1.89 -30.23
CA ILE A 101 2.35 -0.43 -30.33
C ILE A 101 3.48 0.18 -31.17
N LEU A 102 4.71 -0.22 -30.87
CA LEU A 102 5.89 0.34 -31.52
C LEU A 102 5.91 0.05 -33.02
N GLU A 103 5.23 -1.01 -33.41
CA GLU A 103 5.12 -1.38 -34.84
C GLU A 103 4.09 -0.55 -35.61
N GLN A 104 3.17 0.08 -34.90
CA GLN A 104 2.05 0.77 -35.56
C GLN A 104 2.45 2.04 -36.29
N ALA A 105 1.72 2.33 -37.36
CA ALA A 105 1.95 3.52 -38.19
C ALA A 105 1.89 4.83 -37.43
N TRP A 106 1.07 4.84 -36.38
CA TRP A 106 0.80 6.05 -35.61
C TRP A 106 1.71 6.23 -34.38
N CYS A 107 2.61 5.29 -34.15
CA CYS A 107 3.55 5.39 -33.02
C CYS A 107 4.91 5.88 -33.49
N ASP A 108 5.44 6.91 -32.84
CA ASP A 108 6.71 7.51 -33.25
C ASP A 108 7.96 6.90 -32.59
N GLY A 109 7.78 5.78 -31.89
CA GLY A 109 8.89 5.07 -31.24
C GLY A 109 9.06 5.39 -29.77
N ASN A 110 8.21 6.27 -29.23
CA ASN A 110 8.28 6.65 -27.83
C ASN A 110 6.99 6.26 -27.15
N VAL A 111 7.10 5.38 -26.15
CA VAL A 111 5.93 4.91 -25.40
C VAL A 111 6.15 5.17 -23.91
N GLY A 112 5.07 5.54 -23.24
CA GLY A 112 5.08 5.70 -21.78
C GLY A 112 3.88 4.98 -21.20
N MET A 113 3.77 4.98 -19.88
CA MET A 113 2.61 4.41 -19.18
C MET A 113 2.23 5.27 -17.98
N PHE A 114 0.96 5.17 -17.58
CA PHE A 114 0.52 5.83 -16.36
C PHE A 114 -0.66 5.03 -15.83
N GLY A 115 -1.06 5.35 -14.60
CA GLY A 115 -2.18 4.64 -13.97
C GLY A 115 -1.91 4.25 -12.53
N VAL A 116 -2.99 3.82 -11.86
CA VAL A 116 -3.03 3.64 -10.42
C VAL A 116 -3.31 2.18 -10.04
N SER A 117 -2.75 1.74 -8.92
CA SER A 117 -3.07 0.43 -8.34
C SER A 117 -2.64 -0.70 -9.30
N TYR A 118 -3.56 -1.53 -9.79
CA TYR A 118 -3.18 -2.63 -10.68
C TYR A 118 -2.63 -2.04 -12.00
N LEU A 119 -3.15 -0.86 -12.35
CA LEU A 119 -2.70 -0.12 -13.55
C LEU A 119 -1.32 0.49 -13.31
N GLY A 120 -0.86 0.44 -12.06
CA GLY A 120 0.49 0.85 -11.66
C GLY A 120 1.46 -0.32 -11.57
N VAL A 121 1.03 -1.40 -10.93
CA VAL A 121 1.83 -2.62 -10.82
C VAL A 121 2.25 -3.11 -12.21
N THR A 122 1.31 -3.06 -13.15
CA THR A 122 1.55 -3.54 -14.52
C THR A 122 2.61 -2.72 -15.24
N GLN A 123 2.85 -1.49 -14.77
CA GLN A 123 3.91 -0.66 -15.34
C GLN A 123 5.30 -1.14 -14.94
N TRP A 124 5.46 -1.58 -13.70
CA TRP A 124 6.72 -2.21 -13.29
C TRP A 124 6.96 -3.49 -14.06
N GLN A 125 5.89 -4.25 -14.27
CA GLN A 125 5.97 -5.49 -15.02
C GLN A 125 6.36 -5.22 -16.48
N ALA A 126 5.92 -4.09 -17.01
CA ALA A 126 6.29 -3.66 -18.36
C ALA A 126 7.74 -3.18 -18.40
N ALA A 127 8.15 -2.49 -17.34
CA ALA A 127 9.48 -1.82 -17.32
C ALA A 127 10.64 -2.80 -17.34
N VAL A 128 10.40 -4.03 -16.86
CA VAL A 128 11.46 -5.06 -16.82
C VAL A 128 11.56 -5.85 -18.14
N SER A 129 10.75 -5.47 -19.12
CA SER A 129 10.66 -6.15 -20.43
C SER A 129 11.89 -5.99 -21.31
N GLY A 130 12.65 -4.92 -21.08
CA GLY A 130 13.80 -4.60 -21.92
C GLY A 130 13.42 -3.98 -23.26
N VAL A 131 12.17 -3.52 -23.37
CA VAL A 131 11.71 -2.86 -24.59
C VAL A 131 12.22 -1.41 -24.59
N GLY A 132 13.15 -1.13 -25.50
CA GLY A 132 13.80 0.17 -25.55
C GLY A 132 12.87 1.34 -25.80
N GLY A 133 11.77 1.06 -26.51
CA GLY A 133 10.77 2.08 -26.86
C GLY A 133 9.99 2.62 -25.67
N LEU A 134 10.00 1.89 -24.55
CA LEU A 134 9.37 2.37 -23.31
C LEU A 134 10.30 3.37 -22.62
N LYS A 135 9.92 4.64 -22.64
CA LYS A 135 10.80 5.74 -22.25
C LYS A 135 10.54 6.28 -20.84
N ALA A 136 9.36 5.99 -20.29
CA ALA A 136 8.98 6.52 -18.99
C ALA A 136 7.74 5.81 -18.49
N ILE A 137 7.66 5.67 -17.17
CA ILE A 137 6.43 5.15 -16.56
C ILE A 137 5.98 6.09 -15.44
N ALA A 138 4.73 5.92 -15.01
CA ALA A 138 4.20 6.72 -13.92
C ALA A 138 3.27 5.89 -13.06
N PRO A 139 3.86 5.02 -12.20
CA PRO A 139 3.05 4.13 -11.37
C PRO A 139 2.57 4.80 -10.09
N SER A 140 1.25 4.85 -9.93
CA SER A 140 0.66 5.48 -8.76
C SER A 140 0.08 4.42 -7.84
N MET A 141 0.27 4.61 -6.54
N MET A 141 0.38 4.51 -6.55
CA MET A 141 -0.24 3.72 -5.48
CA MET A 141 -0.20 3.62 -5.53
C MET A 141 -0.01 2.23 -5.87
C MET A 141 0.00 2.17 -5.90
N ALA A 142 1.25 1.86 -6.14
CA ALA A 142 1.63 0.57 -6.68
C ALA A 142 2.82 -0.04 -5.94
N SER A 143 3.22 -1.22 -6.40
CA SER A 143 4.27 -2.00 -5.79
C SER A 143 5.02 -2.73 -6.88
N ALA A 144 6.29 -3.04 -6.63
CA ALA A 144 7.07 -3.92 -7.50
C ALA A 144 7.36 -5.26 -6.80
N ASP A 145 6.71 -5.49 -5.66
CA ASP A 145 6.89 -6.74 -4.95
C ASP A 145 5.55 -7.09 -4.35
N LEU A 146 4.86 -8.06 -4.96
CA LEU A 146 3.45 -8.31 -4.63
C LEU A 146 3.27 -8.98 -3.28
N TYR A 147 4.29 -9.70 -2.82
CA TYR A 147 4.28 -10.22 -1.46
C TYR A 147 4.29 -9.04 -0.46
N ARG A 148 5.23 -8.12 -0.64
CA ARG A 148 5.39 -7.02 0.31
C ARG A 148 4.23 -6.01 0.30
N ALA A 149 3.60 -5.85 -0.87
CA ALA A 149 2.33 -5.13 -1.00
C ALA A 149 1.66 -5.52 -2.31
N PRO A 150 0.36 -5.80 -2.29
CA PRO A 150 -0.57 -5.66 -1.18
C PRO A 150 -0.94 -6.95 -0.43
N TRP A 151 -0.35 -8.10 -0.78
CA TRP A 151 -0.91 -9.37 -0.29
C TRP A 151 -0.43 -9.83 1.09
N TYR A 152 0.87 -9.69 1.34
CA TYR A 152 1.41 -9.94 2.67
C TYR A 152 1.99 -8.64 3.19
N GLY A 153 3.27 -8.62 3.52
CA GLY A 153 3.92 -7.39 3.94
C GLY A 153 5.31 -7.68 4.45
N PRO A 154 6.05 -6.62 4.80
CA PRO A 154 7.43 -6.79 5.28
C PRO A 154 7.54 -7.54 6.61
N GLY A 155 6.41 -7.71 7.30
CA GLY A 155 6.37 -8.42 8.58
C GLY A 155 5.95 -9.88 8.48
N GLY A 156 5.52 -10.29 7.29
CA GLY A 156 5.15 -11.70 7.05
C GLY A 156 3.77 -12.09 7.56
N ALA A 157 2.88 -11.11 7.67
CA ALA A 157 1.47 -11.43 7.95
C ALA A 157 0.64 -11.22 6.70
N LEU A 158 -0.40 -12.04 6.54
CA LEU A 158 -1.30 -11.94 5.39
C LEU A 158 -2.18 -10.70 5.51
N SER A 159 -2.24 -9.91 4.45
CA SER A 159 -3.13 -8.74 4.43
C SER A 159 -4.52 -9.24 4.05
N VAL A 160 -5.19 -9.88 5.01
CA VAL A 160 -6.36 -10.68 4.67
C VAL A 160 -7.55 -9.87 4.14
N GLU A 161 -7.82 -8.70 4.72
CA GLU A 161 -8.92 -7.88 4.22
C GLU A 161 -8.68 -7.40 2.79
N ALA A 162 -7.42 -7.11 2.46
CA ALA A 162 -7.08 -6.70 1.09
C ALA A 162 -7.35 -7.85 0.12
N LEU A 163 -6.90 -9.04 0.50
CA LEU A 163 -7.07 -10.22 -0.35
C LEU A 163 -8.54 -10.55 -0.59
N LEU A 164 -9.32 -10.63 0.48
CA LEU A 164 -10.70 -11.06 0.35
C LEU A 164 -11.56 -9.99 -0.34
N GLY A 165 -11.33 -8.73 0.02
CA GLY A 165 -12.02 -7.61 -0.62
C GLY A 165 -11.75 -7.53 -2.11
N TRP A 166 -10.47 -7.60 -2.47
CA TRP A 166 -10.11 -7.50 -3.88
C TRP A 166 -10.62 -8.69 -4.68
N SER A 167 -10.48 -9.89 -4.11
CA SER A 167 -10.98 -11.09 -4.78
C SER A 167 -12.48 -10.99 -5.04
N ALA A 168 -13.23 -10.45 -4.08
CA ALA A 168 -14.68 -10.27 -4.28
C ALA A 168 -14.96 -9.23 -5.36
N LYS A 169 -14.13 -8.16 -5.40
N LYS A 169 -14.17 -8.19 -5.43
CA LYS A 169 -14.18 -7.08 -6.41
CA LYS A 169 -14.38 -7.20 -6.49
C LYS A 169 -13.96 -7.63 -7.84
C LYS A 169 -14.09 -7.80 -7.87
N ILE A 170 -12.95 -8.49 -7.99
CA ILE A 170 -12.60 -9.13 -9.26
C ILE A 170 -13.65 -10.18 -9.62
N GLY A 171 -14.12 -10.91 -8.60
CA GLY A 171 -15.19 -11.88 -8.79
C GLY A 171 -16.43 -11.29 -9.43
N THR A 172 -16.77 -10.06 -9.06
N THR A 172 -16.81 -10.09 -8.96
CA THR A 172 -17.83 -9.33 -9.75
CA THR A 172 -18.07 -9.42 -9.33
C THR A 172 -17.46 -9.17 -11.24
C THR A 172 -18.04 -8.93 -10.78
N GLY A 173 -16.21 -8.76 -11.50
N GLY A 173 -16.89 -8.42 -11.21
CA GLY A 173 -15.71 -8.58 -12.88
CA GLY A 173 -16.73 -8.02 -12.60
C GLY A 173 -15.62 -9.84 -13.71
C GLY A 173 -16.95 -9.19 -13.53
N LEU A 174 -15.20 -10.94 -13.09
N LEU A 174 -16.59 -10.39 -13.07
CA LEU A 174 -15.07 -12.23 -13.77
CA LEU A 174 -16.75 -11.59 -13.89
C LEU A 174 -16.41 -12.78 -14.25
C LEU A 174 -18.22 -11.92 -14.14
N ILE A 175 -17.44 -12.65 -13.42
N ILE A 175 -19.05 -11.71 -13.13
CA ILE A 175 -18.78 -13.09 -13.79
CA ILE A 175 -20.49 -11.98 -13.26
C ILE A 175 -19.36 -12.20 -14.88
C ILE A 175 -21.15 -10.92 -14.14
N THR A 176 -19.19 -10.89 -14.72
N THR A 176 -20.99 -9.65 -13.76
CA THR A 176 -19.70 -9.89 -15.68
CA THR A 176 -21.59 -8.54 -14.50
C THR A 176 -19.14 -10.08 -17.09
C THR A 176 -21.10 -8.50 -15.94
N SER A 177 -17.89 -10.54 -17.16
N SER A 177 -19.97 -9.15 -16.21
CA SER A 177 -17.18 -10.62 -18.44
CA SER A 177 -19.35 -9.12 -17.52
C SER A 177 -17.08 -12.03 -19.05
C SER A 177 -19.79 -10.27 -18.44
N ARG A 178 -17.79 -12.99 -18.46
N ARG A 178 -20.25 -11.36 -17.83
CA ARG A 178 -17.80 -14.35 -19.00
CA ARG A 178 -20.67 -12.53 -18.60
C ARG A 178 -18.69 -14.46 -20.26
C ARG A 178 -21.60 -12.15 -19.74
N SER A 179 -18.50 -15.55 -20.99
N SER A 179 -21.29 -12.64 -20.94
CA SER A 179 -19.21 -15.81 -22.25
CA SER A 179 -22.16 -12.44 -22.08
C SER A 179 -20.73 -15.70 -22.11
C SER A 179 -23.48 -13.18 -21.86
N ASP A 180 -21.34 -16.65 -21.43
N ASP A 180 -23.38 -14.48 -21.61
CA ASP A 180 -22.80 -16.73 -21.31
CA ASP A 180 -24.56 -15.27 -21.26
C ASP A 180 -23.22 -16.65 -19.85
C ASP A 180 -24.54 -15.62 -19.77
N ALA A 181 -24.37 -16.03 -19.60
N ALA A 181 -25.61 -15.26 -19.08
CA ALA A 181 -24.91 -15.88 -18.24
CA ALA A 181 -25.69 -15.44 -17.63
C ALA A 181 -25.23 -17.24 -17.64
C ALA A 181 -25.91 -16.89 -17.21
N ARG A 182 -25.04 -17.36 -16.32
CA ARG A 182 -25.21 -18.65 -15.64
C ARG A 182 -26.29 -18.58 -14.57
N PRO A 183 -26.98 -19.71 -14.29
CA PRO A 183 -28.03 -19.73 -13.28
C PRO A 183 -27.56 -19.29 -11.88
N GLU A 184 -26.30 -19.60 -11.55
CA GLU A 184 -25.73 -19.30 -10.23
C GLU A 184 -25.23 -17.86 -10.08
N ASP A 185 -25.15 -17.13 -11.19
CA ASP A 185 -24.63 -15.76 -11.19
C ASP A 185 -25.31 -14.82 -10.20
N ALA A 186 -26.65 -14.83 -10.18
CA ALA A 186 -27.42 -13.96 -9.30
C ALA A 186 -27.08 -14.18 -7.82
N ALA A 187 -27.04 -15.45 -7.41
CA ALA A 187 -26.71 -15.81 -6.03
C ALA A 187 -25.25 -15.49 -5.71
N ASP A 188 -24.36 -15.74 -6.67
CA ASP A 188 -22.93 -15.41 -6.51
C ASP A 188 -22.72 -13.90 -6.29
N PHE A 189 -23.45 -13.09 -7.08
N PHE A 189 -23.44 -13.08 -7.02
CA PHE A 189 -23.44 -11.60 -7.00
CA PHE A 189 -23.30 -11.65 -6.84
C PHE A 189 -23.87 -11.11 -5.60
C PHE A 189 -23.74 -11.23 -5.44
N VAL A 190 -24.86 -11.79 -5.00
CA VAL A 190 -25.36 -11.50 -3.65
C VAL A 190 -24.30 -11.85 -2.60
N GLN A 191 -23.66 -13.01 -2.76
CA GLN A 191 -22.63 -13.47 -1.82
C GLN A 191 -21.38 -12.59 -1.87
N LEU A 192 -21.03 -12.12 -3.07
CA LEU A 192 -19.88 -11.22 -3.22
C LEU A 192 -20.14 -9.88 -2.53
N ALA A 193 -21.36 -9.39 -2.68
CA ALA A 193 -21.79 -8.17 -2.00
C ALA A 193 -21.73 -8.32 -0.49
N ALA A 194 -22.08 -9.51 -0.01
CA ALA A 194 -22.06 -9.80 1.42
C ALA A 194 -20.63 -9.74 1.98
N ILE A 195 -19.67 -10.19 1.17
CA ILE A 195 -18.25 -10.11 1.53
C ILE A 195 -17.81 -8.65 1.60
N LEU A 196 -18.12 -7.89 0.54
CA LEU A 196 -17.69 -6.49 0.47
C LEU A 196 -18.33 -5.60 1.53
N ASN A 197 -19.53 -5.99 1.99
CA ASN A 197 -20.21 -5.29 3.09
C ASN A 197 -19.69 -5.67 4.47
N ASP A 198 -18.91 -6.74 4.55
CA ASP A 198 -18.51 -7.29 5.83
C ASP A 198 -17.19 -8.05 5.67
N VAL A 199 -16.15 -7.30 5.34
CA VAL A 199 -14.86 -7.93 5.06
C VAL A 199 -14.24 -8.57 6.31
N ALA A 200 -14.40 -7.92 7.47
CA ALA A 200 -13.91 -8.51 8.72
C ALA A 200 -14.62 -9.83 9.01
N GLY A 201 -15.92 -9.87 8.73
CA GLY A 201 -16.70 -11.11 8.91
C GLY A 201 -16.19 -12.22 8.01
N ALA A 202 -15.94 -11.88 6.74
CA ALA A 202 -15.40 -12.84 5.78
C ALA A 202 -14.03 -13.36 6.23
N ALA A 203 -13.21 -12.46 6.78
CA ALA A 203 -11.87 -12.81 7.22
C ALA A 203 -11.85 -13.59 8.53
N SER A 204 -12.98 -13.64 9.21
CA SER A 204 -13.09 -14.27 10.53
C SER A 204 -13.35 -15.76 10.47
N VAL A 205 -13.72 -16.25 9.28
N VAL A 205 -13.74 -16.26 9.30
CA VAL A 205 -13.93 -17.68 9.06
CA VAL A 205 -14.05 -17.69 9.12
C VAL A 205 -12.66 -18.46 9.40
C VAL A 205 -12.76 -18.54 9.21
N THR A 206 -12.85 -19.64 9.97
CA THR A 206 -11.73 -20.55 10.16
C THR A 206 -12.15 -21.95 9.74
N PRO A 207 -11.27 -22.68 9.04
CA PRO A 207 -9.95 -22.24 8.57
C PRO A 207 -10.08 -21.15 7.53
N LEU A 208 -9.15 -20.21 7.55
CA LEU A 208 -9.20 -19.08 6.64
C LEU A 208 -9.16 -19.52 5.19
N ALA A 209 -8.46 -20.64 4.94
CA ALA A 209 -8.23 -21.16 3.59
C ALA A 209 -9.45 -21.77 2.94
N GLU A 210 -10.49 -22.02 3.72
CA GLU A 210 -11.72 -22.56 3.14
C GLU A 210 -12.63 -21.40 2.71
N GLN A 211 -12.59 -21.14 1.40
CA GLN A 211 -13.29 -20.04 0.77
C GLN A 211 -14.09 -20.60 -0.39
N PRO A 212 -15.28 -21.15 -0.11
CA PRO A 212 -16.04 -21.85 -1.14
C PRO A 212 -16.34 -20.98 -2.36
N LEU A 213 -16.78 -19.75 -2.14
CA LEU A 213 -17.17 -18.86 -3.22
C LEU A 213 -15.94 -18.32 -3.96
N LEU A 214 -15.05 -17.66 -3.21
CA LEU A 214 -13.90 -17.02 -3.83
C LEU A 214 -12.94 -18.04 -4.45
N GLY A 215 -12.77 -19.19 -3.78
CA GLY A 215 -11.92 -20.26 -4.31
C GLY A 215 -12.45 -20.86 -5.60
N ARG A 216 -13.77 -20.80 -5.79
CA ARG A 216 -14.38 -21.27 -7.03
C ARG A 216 -14.22 -20.24 -8.15
N LEU A 217 -14.56 -18.98 -7.85
CA LEU A 217 -14.49 -17.91 -8.85
C LEU A 217 -13.05 -17.55 -9.23
N ILE A 218 -12.16 -17.54 -8.24
N ILE A 218 -12.17 -17.49 -8.24
CA ILE A 218 -10.77 -17.17 -8.45
CA ILE A 218 -10.75 -17.18 -8.45
C ILE A 218 -9.84 -18.07 -7.61
C ILE A 218 -9.89 -18.10 -7.60
N PRO A 219 -9.60 -19.32 -8.10
CA PRO A 219 -8.78 -20.30 -7.38
C PRO A 219 -7.45 -19.78 -6.82
N TRP A 220 -6.84 -18.84 -7.56
CA TRP A 220 -5.63 -18.11 -7.15
C TRP A 220 -5.65 -17.61 -5.70
N VAL A 221 -6.83 -17.19 -5.22
N VAL A 221 -6.82 -17.18 -5.23
CA VAL A 221 -6.94 -16.66 -3.86
CA VAL A 221 -6.98 -16.68 -3.86
C VAL A 221 -6.37 -17.63 -2.83
C VAL A 221 -6.32 -17.65 -2.86
N ILE A 222 -6.60 -18.93 -3.04
CA ILE A 222 -6.06 -19.97 -2.17
C ILE A 222 -4.77 -20.54 -2.75
N ASP A 223 -4.80 -20.91 -4.03
CA ASP A 223 -3.70 -21.64 -4.66
C ASP A 223 -2.39 -20.85 -4.63
N GLN A 224 -2.49 -19.55 -4.89
CA GLN A 224 -1.32 -18.69 -4.74
C GLN A 224 -1.23 -18.03 -3.37
N VAL A 225 -2.22 -17.21 -3.03
CA VAL A 225 -2.02 -16.30 -1.90
C VAL A 225 -2.06 -17.00 -0.55
N VAL A 226 -3.21 -17.58 -0.20
CA VAL A 226 -3.34 -18.19 1.13
C VAL A 226 -2.36 -19.34 1.33
N ASP A 227 -2.15 -20.16 0.29
CA ASP A 227 -1.28 -21.34 0.39
C ASP A 227 0.21 -21.03 0.46
N HIS A 228 0.61 -19.80 0.15
CA HIS A 228 2.04 -19.44 0.16
C HIS A 228 2.36 -18.31 1.14
N PRO A 229 2.37 -18.63 2.45
CA PRO A 229 2.65 -17.60 3.46
C PRO A 229 4.11 -17.15 3.52
N ASP A 230 5.03 -17.98 3.05
CA ASP A 230 6.45 -17.61 2.99
C ASP A 230 6.69 -16.87 1.68
N ASN A 231 7.66 -15.95 1.71
CA ASN A 231 8.05 -15.21 0.51
C ASN A 231 8.93 -16.12 -0.37
N ASP A 232 8.27 -17.13 -0.94
CA ASP A 232 8.95 -18.25 -1.59
C ASP A 232 9.07 -18.03 -3.10
N GLU A 233 9.38 -19.09 -3.83
CA GLU A 233 9.66 -18.99 -5.26
C GLU A 233 8.46 -18.51 -6.07
N SER A 234 7.25 -18.87 -5.65
CA SER A 234 6.03 -18.43 -6.35
C SER A 234 5.90 -16.90 -6.32
N TRP A 235 6.30 -16.30 -5.20
CA TRP A 235 6.28 -14.85 -5.06
C TRP A 235 7.47 -14.20 -5.78
N GLN A 236 8.65 -14.80 -5.64
CA GLN A 236 9.86 -14.28 -6.30
C GLN A 236 9.66 -14.19 -7.81
N SER A 237 8.93 -15.15 -8.37
N SER A 237 8.98 -15.17 -8.39
CA SER A 237 8.65 -15.27 -9.81
CA SER A 237 8.71 -15.21 -9.82
C SER A 237 7.80 -14.14 -10.42
C SER A 237 8.05 -13.92 -10.31
N ILE A 238 7.07 -13.44 -9.56
CA ILE A 238 6.31 -12.25 -9.98
C ILE A 238 6.87 -10.93 -9.43
N SER A 239 7.83 -11.00 -8.51
CA SER A 239 8.48 -9.80 -8.00
C SER A 239 9.33 -9.15 -9.07
N LEU A 240 9.27 -7.82 -9.13
CA LEU A 240 10.07 -7.05 -10.08
C LEU A 240 11.21 -6.33 -9.37
N PHE A 241 11.12 -6.27 -8.03
CA PHE A 241 11.93 -5.32 -7.28
C PHE A 241 13.44 -5.42 -7.49
N GLU A 242 13.98 -6.64 -7.48
CA GLU A 242 15.42 -6.81 -7.59
C GLU A 242 15.95 -6.45 -8.97
N ARG A 243 15.04 -6.46 -9.96
CA ARG A 243 15.38 -6.02 -11.32
C ARG A 243 15.35 -4.49 -11.50
N LEU A 244 14.73 -3.77 -10.57
N LEU A 244 14.75 -3.77 -10.57
CA LEU A 244 14.59 -2.30 -10.67
CA LEU A 244 14.60 -2.31 -10.68
C LEU A 244 15.92 -1.55 -10.65
C LEU A 244 15.93 -1.57 -10.68
N GLY A 245 16.88 -2.06 -9.88
CA GLY A 245 18.20 -1.44 -9.76
C GLY A 245 18.96 -1.35 -11.08
N GLY A 246 18.72 -2.31 -11.97
CA GLY A 246 19.40 -2.36 -13.26
C GLY A 246 18.71 -1.58 -14.37
N LEU A 247 17.53 -1.06 -14.09
CA LEU A 247 16.82 -0.24 -15.07
C LEU A 247 17.37 1.18 -15.09
N ALA A 248 17.09 1.88 -16.18
CA ALA A 248 17.33 3.31 -16.26
C ALA A 248 16.12 3.95 -16.91
N THR A 249 14.96 3.68 -16.34
CA THR A 249 13.67 4.18 -16.84
C THR A 249 13.13 5.24 -15.87
N PRO A 250 12.93 6.47 -16.38
CA PRO A 250 12.30 7.53 -15.58
C PRO A 250 10.95 7.04 -15.04
N ALA A 251 10.68 7.33 -13.78
CA ALA A 251 9.41 6.94 -13.16
C ALA A 251 8.84 8.07 -12.32
N LEU A 252 7.58 8.41 -12.59
CA LEU A 252 6.87 9.40 -11.79
C LEU A 252 5.98 8.61 -10.82
N ILE A 253 6.40 8.58 -9.56
CA ILE A 253 5.80 7.68 -8.57
C ILE A 253 4.91 8.47 -7.62
N THR A 254 3.67 8.00 -7.47
CA THR A 254 2.74 8.62 -6.53
C THR A 254 2.40 7.63 -5.42
N ALA A 255 2.28 8.13 -4.20
CA ALA A 255 1.92 7.30 -3.05
C ALA A 255 0.97 8.06 -2.14
N GLY A 256 0.39 7.37 -1.17
CA GLY A 256 -0.44 8.01 -0.15
C GLY A 256 -0.07 7.50 1.24
N TRP A 257 -0.05 8.39 2.24
CA TRP A 257 0.40 8.01 3.58
C TRP A 257 -0.47 6.91 4.21
N TYR A 258 -1.72 6.82 3.77
CA TYR A 258 -2.65 5.82 4.31
C TYR A 258 -2.99 4.75 3.28
N ASP A 259 -2.16 4.67 2.25
CA ASP A 259 -2.37 3.73 1.17
C ASP A 259 -1.71 2.41 1.47
N GLY A 260 -2.38 1.31 1.16
CA GLY A 260 -1.82 -0.03 1.40
C GLY A 260 -0.44 -0.23 0.77
N PHE A 261 -0.19 0.46 -0.34
CA PHE A 261 1.06 0.32 -1.07
C PHE A 261 2.18 1.26 -0.65
N VAL A 262 1.94 2.12 0.35
CA VAL A 262 2.88 3.21 0.63
C VAL A 262 4.34 2.80 0.80
N GLY A 263 4.59 1.75 1.58
CA GLY A 263 5.95 1.27 1.83
C GLY A 263 6.61 0.84 0.54
N GLU A 264 5.88 0.07 -0.27
CA GLU A 264 6.42 -0.42 -1.52
C GLU A 264 6.53 0.63 -2.60
N SER A 265 5.60 1.58 -2.62
CA SER A 265 5.69 2.71 -3.56
C SER A 265 6.97 3.49 -3.29
N LEU A 266 7.21 3.82 -2.03
CA LEU A 266 8.41 4.60 -1.67
C LEU A 266 9.69 3.83 -1.99
N ARG A 267 9.68 2.53 -1.73
N ARG A 267 9.68 2.52 -1.75
CA ARG A 267 10.86 1.70 -2.01
CA ARG A 267 10.84 1.69 -2.01
C ARG A 267 11.21 1.72 -3.50
C ARG A 267 11.20 1.58 -3.50
N THR A 268 10.21 1.75 -4.36
CA THR A 268 10.46 1.80 -5.83
C THR A 268 11.18 3.09 -6.20
N PHE A 269 10.83 4.20 -5.54
CA PHE A 269 11.49 5.47 -5.80
C PHE A 269 12.97 5.36 -5.44
N VAL A 270 13.26 4.82 -4.27
CA VAL A 270 14.63 4.67 -3.81
C VAL A 270 15.43 3.74 -4.75
N ALA A 271 14.75 2.74 -5.31
CA ALA A 271 15.40 1.75 -6.16
C ALA A 271 15.79 2.29 -7.52
N VAL A 272 15.05 3.27 -8.03
CA VAL A 272 15.27 3.77 -9.40
C VAL A 272 15.90 5.17 -9.48
N LYS A 273 15.96 5.89 -8.37
CA LYS A 273 16.38 7.30 -8.39
C LYS A 273 17.82 7.54 -8.84
N ASP A 274 18.70 6.59 -8.60
CA ASP A 274 20.12 6.81 -8.94
C ASP A 274 20.41 6.67 -10.42
N ASN A 275 19.59 5.90 -11.14
CA ASN A 275 19.86 5.58 -12.54
C ASN A 275 19.02 6.32 -13.58
N ALA A 276 17.94 6.95 -13.14
CA ALA A 276 17.10 7.72 -14.05
C ALA A 276 16.36 8.80 -13.29
N ASP A 277 15.68 9.66 -14.04
CA ASP A 277 14.90 10.74 -13.47
C ASP A 277 13.65 10.19 -12.78
N ALA A 278 13.74 10.02 -11.46
CA ALA A 278 12.57 9.63 -10.68
C ALA A 278 11.93 10.84 -10.03
N ARG A 279 10.61 10.82 -9.91
CA ARG A 279 9.87 11.87 -9.23
C ARG A 279 8.96 11.21 -8.21
N LEU A 280 8.69 11.92 -7.12
CA LEU A 280 7.83 11.38 -6.06
C LEU A 280 6.79 12.41 -5.62
N VAL A 281 5.55 11.94 -5.51
CA VAL A 281 4.46 12.75 -4.98
C VAL A 281 3.76 11.89 -3.93
N VAL A 282 3.64 12.40 -2.70
CA VAL A 282 2.93 11.66 -1.65
C VAL A 282 1.89 12.55 -0.97
N GLY A 283 0.62 12.14 -1.06
CA GLY A 283 -0.47 12.83 -0.38
C GLY A 283 -0.99 12.00 0.79
N PRO A 284 -1.93 12.54 1.57
CA PRO A 284 -2.43 11.91 2.80
C PRO A 284 -3.60 10.95 2.56
N TRP A 285 -3.60 10.28 1.43
CA TRP A 285 -4.76 9.51 0.95
C TRP A 285 -4.71 8.05 1.38
N SER A 286 -5.88 7.41 1.42
CA SER A 286 -5.95 5.94 1.43
C SER A 286 -6.36 5.50 0.04
N HIS A 287 -6.39 4.18 -0.21
CA HIS A 287 -6.56 3.69 -1.57
C HIS A 287 -7.88 4.12 -2.20
N SER A 288 -8.93 4.20 -1.38
CA SER A 288 -10.27 4.54 -1.84
C SER A 288 -10.76 5.90 -1.37
N ASN A 289 -9.92 6.62 -0.62
CA ASN A 289 -10.29 7.96 -0.16
C ASN A 289 -9.19 8.94 -0.50
N LEU A 290 -9.39 9.66 -1.59
N LEU A 290 -9.36 9.65 -1.62
CA LEU A 290 -8.42 10.65 -2.07
CA LEU A 290 -8.39 10.67 -2.03
C LEU A 290 -8.85 12.09 -1.74
C LEU A 290 -8.98 12.07 -1.88
N THR A 291 -9.92 12.22 -0.96
CA THR A 291 -10.57 13.51 -0.69
C THR A 291 -9.85 14.45 0.27
N GLY A 292 -9.00 13.91 1.14
CA GLY A 292 -8.41 14.71 2.23
C GLY A 292 -9.31 14.86 3.44
N ARG A 293 -10.53 14.31 3.34
CA ARG A 293 -11.52 14.40 4.41
C ARG A 293 -11.74 13.02 5.04
N ASN A 294 -11.67 12.95 6.36
CA ASN A 294 -11.93 11.71 7.09
C ASN A 294 -12.80 11.98 8.31
N ALA A 295 -13.31 10.92 8.92
CA ALA A 295 -14.31 11.06 9.99
C ALA A 295 -13.88 12.00 11.10
N ASP A 296 -12.63 11.89 11.52
CA ASP A 296 -12.14 12.68 12.66
C ASP A 296 -10.88 13.49 12.33
N ARG A 297 -10.62 13.68 11.04
CA ARG A 297 -9.41 14.37 10.61
C ARG A 297 -9.63 14.91 9.21
N LYS A 298 -9.50 16.23 9.08
N LYS A 298 -9.50 16.23 9.07
CA LYS A 298 -9.61 16.92 7.80
CA LYS A 298 -9.61 16.90 7.78
C LYS A 298 -8.25 17.54 7.50
C LYS A 298 -8.32 17.61 7.45
N PHE A 299 -7.75 17.33 6.28
CA PHE A 299 -6.42 17.85 5.90
C PHE A 299 -6.47 19.15 5.11
N GLY A 300 -7.68 19.62 4.76
CA GLY A 300 -7.85 20.84 3.98
C GLY A 300 -8.05 20.56 2.50
N ILE A 301 -8.63 21.52 1.78
N ILE A 301 -8.62 21.53 1.81
CA ILE A 301 -8.90 21.30 0.36
CA ILE A 301 -8.92 21.41 0.38
C ILE A 301 -7.64 21.08 -0.46
C ILE A 301 -7.67 21.15 -0.48
N ALA A 302 -6.51 21.63 -0.02
CA ALA A 302 -5.24 21.44 -0.72
C ALA A 302 -4.84 19.97 -0.75
N ALA A 303 -5.33 19.21 0.23
CA ALA A 303 -5.01 17.77 0.35
C ALA A 303 -5.80 16.91 -0.63
N THR A 304 -6.93 17.42 -1.12
CA THR A 304 -7.74 16.68 -2.09
C THR A 304 -6.85 16.34 -3.28
N TYR A 305 -6.92 15.10 -3.76
CA TYR A 305 -6.04 14.66 -4.84
C TYR A 305 -6.03 15.72 -5.96
N PRO A 306 -4.86 16.35 -6.19
CA PRO A 306 -4.81 17.50 -7.09
C PRO A 306 -4.71 17.06 -8.54
N ILE A 307 -5.84 16.63 -9.09
CA ILE A 307 -5.83 15.98 -10.41
C ILE A 307 -5.35 16.87 -11.56
N GLN A 308 -5.67 18.17 -11.55
N GLN A 308 -5.70 18.16 -11.49
CA GLN A 308 -5.16 18.98 -12.67
CA GLN A 308 -5.26 19.16 -12.48
C GLN A 308 -3.66 19.27 -12.53
C GLN A 308 -3.73 19.28 -12.49
N GLU A 309 -3.17 19.50 -11.31
CA GLU A 309 -1.71 19.62 -11.11
C GLU A 309 -0.99 18.32 -11.47
N ALA A 310 -1.58 17.18 -11.12
CA ALA A 310 -1.03 15.89 -11.50
C ALA A 310 -0.99 15.74 -13.01
N THR A 311 -2.03 16.20 -13.69
CA THR A 311 -2.09 16.12 -15.14
C THR A 311 -0.98 16.95 -15.77
N THR A 312 -0.82 18.17 -15.26
CA THR A 312 0.23 19.08 -15.72
C THR A 312 1.63 18.46 -15.51
N MET A 313 1.83 17.87 -14.33
CA MET A 313 3.13 17.27 -14.03
C MET A 313 3.43 16.06 -14.90
N HIS A 314 2.42 15.20 -15.12
CA HIS A 314 2.57 14.04 -15.98
C HIS A 314 2.90 14.47 -17.42
N LYS A 315 2.21 15.50 -17.91
CA LYS A 315 2.45 15.96 -19.28
C LYS A 315 3.86 16.51 -19.41
N ALA A 316 4.32 17.23 -18.39
CA ALA A 316 5.68 17.79 -18.40
C ALA A 316 6.71 16.64 -18.41
N PHE A 317 6.43 15.65 -17.57
CA PHE A 317 7.28 14.46 -17.45
C PHE A 317 7.38 13.70 -18.78
N PHE A 318 6.23 13.47 -19.42
CA PHE A 318 6.21 12.78 -20.71
C PHE A 318 6.81 13.66 -21.82
N ASP A 319 6.57 14.97 -21.75
CA ASP A 319 7.21 15.89 -22.72
C ASP A 319 8.74 15.77 -22.64
N ARG A 320 9.28 15.66 -21.42
CA ARG A 320 10.72 15.55 -21.24
C ARG A 320 11.25 14.23 -21.81
N HIS A 321 10.58 13.13 -21.50
CA HIS A 321 11.14 11.80 -21.74
C HIS A 321 10.68 11.11 -23.02
N LEU A 322 9.48 11.44 -23.49
CA LEU A 322 8.96 10.90 -24.75
C LEU A 322 9.12 11.86 -25.92
N ARG A 323 9.12 13.16 -25.64
N ARG A 323 9.11 13.16 -25.66
CA ARG A 323 9.26 14.18 -26.68
CA ARG A 323 9.29 14.15 -26.72
C ARG A 323 10.62 14.90 -26.67
C ARG A 323 10.75 14.64 -26.83
N GLY A 324 11.50 14.50 -25.75
CA GLY A 324 12.88 15.01 -25.70
C GLY A 324 13.00 16.50 -25.43
N GLU A 325 11.96 17.07 -24.83
CA GLU A 325 11.95 18.49 -24.49
C GLU A 325 12.74 18.72 -23.21
N THR A 326 14.00 19.10 -23.38
CA THR A 326 14.98 19.11 -22.29
C THR A 326 14.63 19.98 -21.08
N ASP A 327 13.88 21.04 -21.32
N ASP A 327 13.86 21.05 -21.32
CA ASP A 327 13.51 21.99 -20.26
CA ASP A 327 13.51 21.99 -20.26
C ASP A 327 12.08 21.79 -19.74
C ASP A 327 12.08 21.79 -19.74
N ALA A 328 11.43 20.71 -20.17
CA ALA A 328 10.02 20.46 -19.83
C ALA A 328 9.75 20.36 -18.33
N LEU A 329 10.73 19.90 -17.56
CA LEU A 329 10.57 19.74 -16.12
C LEU A 329 11.20 20.87 -15.30
N ALA A 330 11.51 22.00 -15.94
CA ALA A 330 12.03 23.16 -15.22
C ALA A 330 11.06 23.59 -14.13
N GLY A 331 11.57 23.77 -12.92
CA GLY A 331 10.76 24.21 -11.78
C GLY A 331 9.94 23.12 -11.10
N VAL A 332 9.94 21.92 -11.67
CA VAL A 332 9.23 20.77 -11.07
C VAL A 332 10.14 20.14 -10.01
N PRO A 333 9.62 20.00 -8.77
CA PRO A 333 10.45 19.42 -7.71
C PRO A 333 10.68 17.94 -7.93
N LYS A 334 11.77 17.42 -7.37
CA LYS A 334 12.06 16.00 -7.39
C LYS A 334 11.02 15.26 -6.54
N VAL A 335 10.75 15.83 -5.38
CA VAL A 335 9.87 15.20 -4.40
C VAL A 335 8.89 16.24 -3.90
N ARG A 336 7.61 15.86 -3.81
CA ARG A 336 6.59 16.75 -3.29
C ARG A 336 5.75 15.97 -2.28
N LEU A 337 5.81 16.41 -1.03
CA LEU A 337 5.13 15.69 0.05
C LEU A 337 4.04 16.52 0.70
N PHE A 338 2.94 15.85 1.07
CA PHE A 338 1.96 16.51 1.91
C PHE A 338 2.34 16.23 3.35
N VAL A 339 2.82 17.28 4.02
CA VAL A 339 3.28 17.17 5.39
C VAL A 339 2.09 17.37 6.30
N MET A 340 1.68 16.30 6.98
CA MET A 340 0.52 16.37 7.87
C MET A 340 0.86 17.13 9.15
N GLY A 341 -0.17 17.58 9.87
CA GLY A 341 0.04 18.42 11.05
C GLY A 341 0.01 19.87 10.62
N ILE A 342 1.07 20.33 9.96
CA ILE A 342 1.00 21.63 9.28
C ILE A 342 0.01 21.58 8.12
N ASP A 343 -0.26 20.38 7.61
CA ASP A 343 -1.22 20.15 6.51
C ASP A 343 -0.92 21.03 5.30
N GLU A 344 0.31 20.93 4.81
CA GLU A 344 0.80 21.70 3.68
C GLU A 344 1.64 20.83 2.77
N TRP A 345 1.56 21.10 1.47
CA TRP A 345 2.48 20.54 0.52
C TRP A 345 3.84 21.20 0.66
N ARG A 346 4.89 20.40 0.49
CA ARG A 346 6.26 20.92 0.60
C ARG A 346 7.16 20.18 -0.36
N ASP A 347 8.03 20.93 -1.03
CA ASP A 347 8.97 20.35 -1.98
C ASP A 347 10.26 19.92 -1.28
N GLU A 348 10.80 18.79 -1.73
CA GLU A 348 12.05 18.25 -1.21
C GLU A 348 12.96 17.84 -2.36
N THR A 349 14.24 17.65 -2.08
CA THR A 349 15.19 17.28 -3.12
C THR A 349 15.41 15.77 -3.22
N ASP A 350 14.97 15.03 -2.20
CA ASP A 350 15.20 13.59 -2.16
C ASP A 350 14.26 12.91 -1.19
N TRP A 351 14.13 11.61 -1.36
CA TRP A 351 13.48 10.72 -0.38
C TRP A 351 14.36 9.49 -0.21
N PRO A 352 14.75 9.16 1.04
CA PRO A 352 14.53 9.88 2.29
C PRO A 352 15.04 11.30 2.23
N LEU A 353 14.53 12.15 3.09
CA LEU A 353 15.01 13.54 3.14
C LEU A 353 16.48 13.54 3.56
N PRO A 354 17.32 14.33 2.87
N PRO A 354 17.29 14.43 2.96
CA PRO A 354 18.64 14.52 3.42
CA PRO A 354 18.75 14.48 3.22
C PRO A 354 18.49 15.18 4.78
C PRO A 354 19.14 14.55 4.70
N ASP A 355 19.40 14.89 5.71
N ASP A 355 18.40 15.35 5.46
CA ASP A 355 19.32 15.50 7.01
CA ASP A 355 18.84 15.72 6.81
C ASP A 355 18.18 14.90 7.88
C ASP A 355 18.21 14.87 7.92
N THR A 356 17.74 13.69 7.54
CA THR A 356 16.94 12.88 8.45
C THR A 356 17.79 12.37 9.61
N ALA A 357 17.37 12.68 10.83
CA ALA A 357 18.00 12.16 12.04
C ALA A 357 17.19 11.00 12.59
N TYR A 358 17.69 9.78 12.37
CA TYR A 358 16.96 8.58 12.82
C TYR A 358 17.17 8.41 14.32
N THR A 359 16.14 8.78 15.07
CA THR A 359 16.25 9.03 16.50
C THR A 359 15.43 8.04 17.32
N PRO A 360 16.10 7.26 18.18
CA PRO A 360 15.36 6.36 19.06
C PRO A 360 14.53 7.10 20.11
N PHE A 361 13.27 6.70 20.23
CA PHE A 361 12.42 7.10 21.33
C PHE A 361 12.11 5.86 22.15
N TYR A 362 12.63 5.83 23.36
CA TYR A 362 12.60 4.62 24.20
C TYR A 362 11.32 4.46 24.98
N LEU A 363 10.87 3.21 25.07
N LEU A 363 10.86 3.21 25.05
CA LEU A 363 9.70 2.85 25.88
CA LEU A 363 9.71 2.86 25.88
C LEU A 363 10.08 2.83 27.36
C LEU A 363 10.12 2.90 27.35
N GLY A 364 9.27 3.50 28.18
CA GLY A 364 9.54 3.57 29.61
C GLY A 364 8.28 3.72 30.42
N GLY A 365 8.46 4.07 31.69
CA GLY A 365 7.35 4.44 32.56
C GLY A 365 7.29 3.64 33.84
N SER A 366 6.69 4.26 34.85
CA SER A 366 6.38 3.58 36.11
C SER A 366 5.10 2.78 35.94
N GLY A 367 5.09 1.56 36.45
N GLY A 367 5.09 1.58 36.50
CA GLY A 367 3.92 0.70 36.37
CA GLY A 367 3.90 0.73 36.51
C GLY A 367 3.55 0.29 34.96
C GLY A 367 3.74 -0.03 35.20
N ALA A 368 2.51 -0.54 34.86
N ALA A 368 2.49 -0.24 34.82
CA ALA A 368 2.11 -1.12 33.59
CA ALA A 368 2.18 -1.01 33.63
C ALA A 368 1.75 -0.07 32.53
C ALA A 368 1.69 -0.09 32.51
N ALA A 369 2.14 -0.35 31.29
CA ALA A 369 1.78 0.48 30.14
C ALA A 369 0.48 0.03 29.45
N ASN A 370 -0.17 -0.99 30.00
CA ASN A 370 -1.45 -1.46 29.46
C ASN A 370 -2.49 -0.36 29.51
N THR A 371 -3.18 -0.17 28.38
CA THR A 371 -4.21 0.88 28.20
C THR A 371 -3.63 2.30 28.14
N SER A 372 -4.45 3.23 27.65
CA SER A 372 -4.02 4.62 27.51
C SER A 372 -3.91 5.32 28.86
N THR A 373 -4.49 4.72 29.90
CA THR A 373 -4.41 5.29 31.25
C THR A 373 -3.30 4.65 32.09
N GLY A 374 -2.50 3.81 31.44
CA GLY A 374 -1.30 3.24 32.07
C GLY A 374 -0.18 4.26 32.15
N GLY A 375 1.01 3.79 32.54
CA GLY A 375 2.13 4.69 32.77
C GLY A 375 3.18 4.78 31.68
N GLY A 376 2.87 4.22 30.51
CA GLY A 376 3.85 4.16 29.41
C GLY A 376 4.33 5.51 28.92
N THR A 377 5.65 5.67 28.84
CA THR A 377 6.26 6.90 28.33
C THR A 377 7.15 6.66 27.12
N LEU A 378 7.39 7.72 26.36
CA LEU A 378 8.40 7.74 25.30
C LEU A 378 9.36 8.86 25.60
N SER A 379 10.64 8.60 25.41
CA SER A 379 11.69 9.57 25.72
C SER A 379 12.91 9.31 24.87
N THR A 380 13.64 10.37 24.51
CA THR A 380 14.90 10.20 23.79
C THR A 380 16.01 9.65 24.69
N SER A 381 15.73 9.61 25.99
CA SER A 381 16.65 8.99 26.96
C SER A 381 16.29 7.54 27.24
N ILE A 382 17.32 6.70 27.35
CA ILE A 382 17.16 5.30 27.71
C ILE A 382 16.50 5.21 29.08
N SER A 383 15.61 4.24 29.24
N SER A 383 15.59 4.25 29.23
CA SER A 383 14.90 4.02 30.50
CA SER A 383 14.91 4.00 30.50
C SER A 383 15.83 3.48 31.59
C SER A 383 15.91 3.57 31.57
N GLY A 384 15.72 4.05 32.79
CA GLY A 384 16.63 3.74 33.90
C GLY A 384 16.39 2.42 34.62
N THR A 385 15.13 1.98 34.64
N THR A 385 15.14 1.97 34.65
CA THR A 385 14.74 0.77 35.36
CA THR A 385 14.81 0.75 35.38
C THR A 385 14.36 -0.35 34.39
C THR A 385 14.28 -0.36 34.47
N GLU A 386 14.66 -1.57 34.80
N GLU A 386 14.85 -1.55 34.62
CA GLU A 386 14.37 -2.76 34.00
CA GLU A 386 14.37 -2.72 33.91
C GLU A 386 12.95 -3.24 34.29
C GLU A 386 12.93 -3.00 34.30
N SER A 387 12.05 -3.00 33.34
N SER A 387 12.08 -3.16 33.29
CA SER A 387 10.63 -3.35 33.51
CA SER A 387 10.67 -3.43 33.52
C SER A 387 10.12 -4.20 32.35
C SER A 387 10.12 -4.22 32.35
N ALA A 388 8.88 -4.68 32.48
CA ALA A 388 8.21 -5.40 31.41
C ALA A 388 6.71 -5.18 31.50
N ASP A 389 6.08 -5.05 30.34
CA ASP A 389 4.63 -4.98 30.26
C ASP A 389 4.14 -6.29 29.67
N THR A 390 3.09 -6.84 30.26
CA THR A 390 2.59 -8.16 29.90
C THR A 390 1.09 -8.10 29.58
N TYR A 391 0.68 -8.88 28.57
CA TYR A 391 -0.73 -8.99 28.23
C TYR A 391 -1.06 -10.34 27.64
N LEU A 392 -2.35 -10.67 27.65
CA LEU A 392 -2.83 -11.86 26.97
C LEU A 392 -3.32 -11.50 25.58
N TYR A 393 -2.74 -12.14 24.57
CA TYR A 393 -3.27 -12.05 23.23
C TYR A 393 -4.11 -13.32 22.94
N ASP A 394 -5.41 -13.11 22.73
CA ASP A 394 -6.36 -14.18 22.43
C ASP A 394 -6.82 -14.03 20.98
N PRO A 395 -6.46 -14.98 20.09
CA PRO A 395 -6.88 -14.90 18.69
C PRO A 395 -8.40 -14.76 18.51
N ALA A 396 -9.19 -15.22 19.48
CA ALA A 396 -10.65 -15.06 19.38
C ALA A 396 -11.10 -13.61 19.56
N ASP A 397 -10.21 -12.78 20.12
CA ASP A 397 -10.49 -11.37 20.38
C ASP A 397 -9.29 -10.52 19.98
N PRO A 398 -9.06 -10.38 18.67
CA PRO A 398 -7.93 -9.58 18.23
C PRO A 398 -8.25 -8.08 18.35
N VAL A 399 -7.20 -7.26 18.36
CA VAL A 399 -7.42 -5.80 18.33
C VAL A 399 -7.99 -5.43 16.96
N PRO A 400 -9.15 -4.74 16.93
CA PRO A 400 -9.71 -4.35 15.64
C PRO A 400 -8.88 -3.31 14.91
N SER A 401 -8.78 -3.47 13.60
CA SER A 401 -8.12 -2.48 12.75
C SER A 401 -8.94 -1.21 12.72
N LEU A 402 -8.26 -0.07 12.89
N LEU A 402 -8.27 -0.07 12.83
CA LEU A 402 -8.88 1.25 12.82
CA LEU A 402 -8.91 1.23 12.82
C LEU A 402 -7.99 2.15 11.99
C LEU A 402 -8.05 2.21 12.03
N GLY A 403 -8.43 2.45 10.78
CA GLY A 403 -7.64 3.31 9.89
C GLY A 403 -6.35 2.66 9.45
N GLY A 404 -5.27 3.46 9.40
CA GLY A 404 -3.99 2.95 8.87
C GLY A 404 -4.12 2.71 7.38
N THR A 405 -3.55 1.60 6.92
CA THR A 405 -3.51 1.32 5.48
C THR A 405 -4.51 0.25 5.03
N LEU A 406 -5.64 0.16 5.72
CA LEU A 406 -6.76 -0.68 5.27
C LEU A 406 -7.14 -0.38 3.84
N LEU A 407 -7.47 -1.42 3.08
CA LEU A 407 -7.82 -1.29 1.66
C LEU A 407 -9.33 -1.40 1.39
N PHE A 408 -9.93 -2.49 1.89
CA PHE A 408 -11.35 -2.80 1.62
C PHE A 408 -12.25 -2.78 2.85
N HIS A 409 -11.72 -3.19 3.99
CA HIS A 409 -12.46 -3.12 5.24
C HIS A 409 -12.28 -1.72 5.81
N ASN A 410 -13.35 -0.91 5.78
CA ASN A 410 -13.28 0.46 6.30
C ASN A 410 -11.98 1.16 5.90
N GLY A 411 -11.73 1.17 4.60
CA GLY A 411 -10.47 1.69 4.07
C GLY A 411 -10.50 3.17 3.70
N ASP A 412 -11.50 3.88 4.22
CA ASP A 412 -11.70 5.29 3.88
C ASP A 412 -11.51 6.23 5.07
N ASN A 413 -10.77 5.76 6.07
CA ASN A 413 -10.58 6.53 7.29
C ASN A 413 -9.19 6.32 7.86
N GLY A 414 -8.18 6.53 7.01
CA GLY A 414 -6.78 6.30 7.41
C GLY A 414 -6.39 6.89 8.76
N PRO A 415 -6.51 8.22 8.91
CA PRO A 415 -6.17 8.87 10.17
C PRO A 415 -7.27 8.68 11.23
N ALA A 416 -7.53 7.44 11.58
CA ALA A 416 -8.64 7.11 12.47
C ALA A 416 -8.30 7.37 13.93
N ASP A 417 -9.30 7.86 14.68
CA ASP A 417 -9.16 8.03 16.12
C ASP A 417 -9.09 6.66 16.79
N GLN A 418 -8.04 6.46 17.57
CA GLN A 418 -7.75 5.17 18.21
C GLN A 418 -8.42 4.98 19.56
N ARG A 419 -9.08 6.03 20.07
CA ARG A 419 -9.69 5.95 21.40
C ARG A 419 -10.59 4.72 21.64
N PRO A 420 -11.35 4.27 20.62
CA PRO A 420 -12.19 3.08 20.85
C PRO A 420 -11.48 1.81 21.33
N ILE A 421 -10.17 1.71 21.12
N ILE A 421 -10.20 1.68 21.01
CA ILE A 421 -9.39 0.54 21.60
CA ILE A 421 -9.47 0.43 21.22
C ILE A 421 -8.43 0.83 22.78
C ILE A 421 -8.33 0.55 22.22
N HIS A 422 -8.49 2.03 23.32
N HIS A 422 -7.65 1.68 22.24
CA HIS A 422 -7.54 2.45 24.36
CA HIS A 422 -6.48 1.81 23.11
C HIS A 422 -7.78 1.85 25.74
C HIS A 422 -6.86 1.68 24.59
N ASP A 423 -8.96 1.30 25.98
N ASP A 423 -8.07 1.16 24.82
CA ASP A 423 -9.29 0.66 27.27
CA ASP A 423 -8.56 0.85 26.16
C ASP A 423 -8.95 -0.84 27.30
C ASP A 423 -8.30 -0.61 26.53
N ARG A 424 -8.42 -1.34 26.17
N ARG A 424 -8.00 -1.44 25.53
CA ARG A 424 -8.04 -2.75 26.02
CA ARG A 424 -7.87 -2.87 25.76
C ARG A 424 -6.73 -3.06 26.74
C ARG A 424 -6.62 -3.18 26.58
N ASP A 425 -6.70 -4.18 27.44
CA ASP A 425 -5.52 -4.58 28.22
C ASP A 425 -4.36 -5.03 27.34
N ASP A 426 -4.68 -5.47 26.12
CA ASP A 426 -3.64 -5.91 25.18
C ASP A 426 -3.15 -4.79 24.26
N VAL A 427 -3.58 -3.56 24.53
CA VAL A 427 -3.04 -2.39 23.82
C VAL A 427 -2.15 -1.60 24.78
N LEU A 428 -0.84 -1.73 24.58
CA LEU A 428 0.14 -1.02 25.39
C LEU A 428 0.39 0.35 24.78
N CYS A 429 0.30 1.39 25.61
CA CYS A 429 0.42 2.77 25.14
C CYS A 429 1.61 3.45 25.79
N TYR A 430 2.41 4.14 24.98
CA TYR A 430 3.58 4.88 25.45
C TYR A 430 3.53 6.25 24.79
N SER A 431 3.59 7.32 25.59
N SER A 431 3.59 7.31 25.60
CA SER A 431 3.53 8.64 25.00
CA SER A 431 3.47 8.67 25.09
C SER A 431 4.53 9.61 25.61
C SER A 431 4.55 9.61 25.61
N THR A 432 4.90 10.61 24.81
CA THR A 432 5.73 11.71 25.27
C THR A 432 4.86 12.61 26.13
N GLU A 433 5.50 13.53 26.85
N GLU A 433 5.51 13.53 26.84
CA GLU A 433 4.78 14.62 27.49
CA GLU A 433 4.81 14.64 27.48
C GLU A 433 4.18 15.51 26.40
C GLU A 433 4.15 15.48 26.39
N VAL A 434 3.24 16.36 26.79
CA VAL A 434 2.66 17.32 25.86
C VAL A 434 3.79 18.21 25.33
N LEU A 435 3.86 18.33 24.00
CA LEU A 435 4.95 19.06 23.35
C LEU A 435 4.78 20.58 23.43
N THR A 436 5.88 21.26 23.73
N THR A 436 5.86 21.30 23.75
CA THR A 436 5.90 22.72 23.77
CA THR A 436 5.81 22.76 23.68
C THR A 436 6.44 23.28 22.45
C THR A 436 6.22 23.25 22.31
N ASP A 437 7.14 22.45 21.70
N ASP A 437 7.17 22.55 21.69
CA ASP A 437 7.67 22.85 20.39
CA ASP A 437 7.68 22.91 20.37
C ASP A 437 7.33 21.76 19.37
C ASP A 437 7.32 21.79 19.37
N PRO A 438 7.18 22.14 18.07
CA PRO A 438 6.84 21.13 17.07
C PRO A 438 7.94 20.10 16.88
N VAL A 439 7.55 18.87 16.54
CA VAL A 439 8.51 17.82 16.21
C VAL A 439 8.05 17.24 14.90
N GLU A 440 8.89 17.35 13.87
CA GLU A 440 8.55 16.78 12.56
C GLU A 440 9.15 15.38 12.40
N VAL A 441 8.29 14.44 12.02
CA VAL A 441 8.68 13.06 11.72
C VAL A 441 8.31 12.79 10.26
N THR A 442 9.33 12.75 9.39
CA THR A 442 9.12 12.53 7.96
C THR A 442 10.14 11.54 7.43
N GLY A 443 9.68 10.35 7.07
CA GLY A 443 10.57 9.33 6.54
C GLY A 443 10.04 7.94 6.86
N THR A 444 10.90 6.94 6.68
CA THR A 444 10.54 5.57 7.05
C THR A 444 10.59 5.44 8.56
N VAL A 445 9.69 4.61 9.10
CA VAL A 445 9.56 4.44 10.54
C VAL A 445 9.68 2.95 10.88
N SER A 446 10.37 2.65 11.98
CA SER A 446 10.52 1.28 12.43
C SER A 446 10.60 1.23 13.94
N ALA A 447 10.35 0.06 14.52
CA ALA A 447 10.50 -0.16 15.95
C ALA A 447 11.48 -1.30 16.19
N ARG A 448 12.21 -1.22 17.30
CA ARG A 448 13.05 -2.33 17.75
C ARG A 448 12.57 -2.69 19.15
N LEU A 449 11.96 -3.86 19.27
CA LEU A 449 11.37 -4.28 20.53
C LEU A 449 12.04 -5.53 21.06
N PHE A 450 12.20 -5.57 22.38
CA PHE A 450 12.66 -6.76 23.08
C PHE A 450 11.43 -7.45 23.61
N VAL A 451 11.16 -8.65 23.11
CA VAL A 451 9.87 -9.31 23.33
C VAL A 451 10.05 -10.76 23.78
N SER A 452 9.05 -11.27 24.49
CA SER A 452 8.99 -12.71 24.77
C SER A 452 7.55 -13.19 24.75
N SER A 453 7.37 -14.50 24.62
CA SER A 453 6.03 -15.08 24.47
C SER A 453 5.96 -16.43 25.15
N SER A 454 4.77 -16.81 25.61
CA SER A 454 4.53 -18.18 26.08
C SER A 454 4.40 -19.15 24.91
N ALA A 455 4.29 -18.61 23.69
CA ALA A 455 4.03 -19.39 22.49
C ALA A 455 5.29 -19.54 21.64
N VAL A 456 5.28 -20.53 20.74
CA VAL A 456 6.39 -20.75 19.81
C VAL A 456 6.28 -19.88 18.55
N ASP A 457 5.17 -19.16 18.42
CA ASP A 457 5.01 -18.12 17.39
C ASP A 457 3.92 -17.19 17.88
N THR A 458 4.05 -15.92 17.50
CA THR A 458 3.02 -14.91 17.78
C THR A 458 3.34 -13.69 16.90
N ASP A 459 2.52 -12.64 17.00
CA ASP A 459 2.81 -11.39 16.30
C ASP A 459 3.07 -10.30 17.30
N PHE A 460 3.82 -9.29 16.87
CA PHE A 460 3.86 -8.00 17.55
C PHE A 460 3.59 -6.87 16.59
N THR A 461 2.82 -5.89 17.04
CA THR A 461 2.42 -4.74 16.22
C THR A 461 2.90 -3.46 16.90
N ALA A 462 3.15 -2.43 16.08
CA ALA A 462 3.46 -1.11 16.62
C ALA A 462 2.80 -0.07 15.72
N LYS A 463 2.21 0.94 16.35
N LYS A 463 2.15 0.90 16.36
CA LYS A 463 1.43 1.96 15.65
CA LYS A 463 1.47 1.98 15.65
C LYS A 463 1.74 3.36 16.19
C LYS A 463 1.93 3.30 16.20
N LEU A 464 2.21 4.24 15.30
CA LEU A 464 2.53 5.61 15.68
C LEU A 464 1.25 6.46 15.61
N VAL A 465 1.06 7.30 16.63
CA VAL A 465 -0.19 8.02 16.83
C VAL A 465 0.10 9.47 17.22
N ASP A 466 -0.69 10.40 16.69
CA ASP A 466 -0.62 11.81 17.06
C ASP A 466 -1.80 12.11 17.97
N VAL A 467 -1.51 12.40 19.24
CA VAL A 467 -2.57 12.74 20.20
C VAL A 467 -2.84 14.23 20.19
N PHE A 468 -4.06 14.57 19.82
CA PHE A 468 -4.50 15.96 19.67
C PHE A 468 -4.93 16.53 21.01
N PRO A 469 -4.91 17.88 21.14
CA PRO A 469 -5.37 18.54 22.37
C PRO A 469 -6.74 18.08 22.89
N ASP A 470 -7.68 17.82 21.97
N ASP A 470 -7.70 17.83 21.99
CA ASP A 470 -9.04 17.42 22.35
CA ASP A 470 -9.04 17.43 22.43
C ASP A 470 -9.19 15.92 22.68
C ASP A 470 -9.12 15.96 22.88
N GLY A 471 -8.09 15.19 22.57
CA GLY A 471 -8.04 13.79 22.95
C GLY A 471 -8.03 12.81 21.80
N ARG A 472 -8.40 13.27 20.61
CA ARG A 472 -8.30 12.41 19.42
C ARG A 472 -6.91 11.82 19.35
N ALA A 473 -6.84 10.51 19.17
CA ALA A 473 -5.56 9.81 19.07
C ALA A 473 -5.47 9.30 17.63
N ILE A 474 -4.86 10.12 16.77
CA ILE A 474 -4.96 9.90 15.31
C ILE A 474 -3.83 8.99 14.80
N ALA A 475 -4.21 7.87 14.19
CA ALA A 475 -3.24 6.92 13.63
C ALA A 475 -2.42 7.55 12.53
N LEU A 476 -1.12 7.24 12.51
N LEU A 476 -1.12 7.31 12.58
CA LEU A 476 -0.21 7.73 11.46
CA LEU A 476 -0.24 7.58 11.46
C LEU A 476 0.36 6.62 10.58
C LEU A 476 0.10 6.24 10.83
N CYS A 477 1.14 5.73 11.18
N CYS A 477 1.35 5.82 10.97
CA CYS A 477 1.65 4.57 10.46
CA CYS A 477 1.77 4.56 10.38
C CYS A 477 1.95 3.41 11.40
C CYS A 477 1.77 3.41 11.39
N ASP A 478 1.85 2.19 10.89
CA ASP A 478 1.93 1.00 11.73
C ASP A 478 2.57 -0.15 10.97
N GLY A 479 2.98 -1.16 11.73
CA GLY A 479 3.49 -2.38 11.13
C GLY A 479 3.29 -3.55 12.05
N ILE A 480 3.77 -4.70 11.58
CA ILE A 480 3.61 -5.95 12.29
C ILE A 480 4.86 -6.78 12.05
N VAL A 481 5.22 -7.61 13.02
CA VAL A 481 6.18 -8.69 12.78
C VAL A 481 5.55 -9.99 13.24
N ARG A 482 5.52 -10.96 12.33
CA ARG A 482 5.12 -12.33 12.66
C ARG A 482 6.41 -13.04 13.08
N MET A 483 6.45 -13.55 14.30
CA MET A 483 7.74 -13.91 14.92
C MET A 483 8.54 -14.96 14.13
N ARG A 484 7.85 -15.90 13.49
CA ARG A 484 8.57 -16.91 12.69
C ARG A 484 9.38 -16.28 11.56
N TYR A 485 8.97 -15.08 11.15
CA TYR A 485 9.63 -14.33 10.06
C TYR A 485 10.49 -13.17 10.58
N ARG A 486 10.84 -13.21 11.87
CA ARG A 486 11.59 -12.12 12.49
C ARG A 486 12.93 -11.83 11.79
N GLU A 487 13.56 -12.88 11.25
N GLU A 487 13.56 -12.87 11.26
CA GLU A 487 14.88 -12.77 10.62
CA GLU A 487 14.87 -12.73 10.61
C GLU A 487 14.85 -12.91 9.11
C GLU A 487 14.73 -12.72 9.09
N THR A 488 13.77 -13.50 8.58
CA THR A 488 13.62 -13.71 7.14
C THR A 488 12.17 -14.05 6.80
N LEU A 489 11.70 -13.51 5.68
CA LEU A 489 10.37 -13.82 5.15
C LEU A 489 10.37 -15.13 4.37
N VAL A 490 11.57 -15.65 4.10
CA VAL A 490 11.77 -16.77 3.19
C VAL A 490 11.89 -18.10 3.91
N ASN A 491 12.69 -18.12 4.99
CA ASN A 491 12.99 -19.34 5.72
C ASN A 491 12.65 -19.22 7.21
N PRO A 492 11.35 -19.22 7.53
CA PRO A 492 10.94 -19.00 8.92
C PRO A 492 11.37 -20.10 9.87
N THR A 493 11.58 -19.71 11.13
CA THR A 493 11.84 -20.63 12.23
C THR A 493 11.01 -20.22 13.43
N LEU A 494 10.68 -21.18 14.27
CA LEU A 494 9.89 -20.88 15.46
C LEU A 494 10.76 -20.31 16.57
N ILE A 495 10.10 -19.74 17.58
CA ILE A 495 10.82 -19.18 18.73
C ILE A 495 10.69 -20.10 19.94
N GLU A 496 11.55 -19.87 20.93
CA GLU A 496 11.52 -20.61 22.18
C GLU A 496 10.65 -19.85 23.17
N ALA A 497 9.65 -20.52 23.73
CA ALA A 497 8.80 -19.90 24.74
C ALA A 497 9.63 -19.35 25.88
N GLY A 498 9.37 -18.09 26.26
CA GLY A 498 10.02 -17.46 27.40
C GLY A 498 11.34 -16.74 27.13
N GLU A 499 11.94 -17.00 25.97
N GLU A 499 11.95 -17.00 25.98
CA GLU A 499 13.20 -16.37 25.57
CA GLU A 499 13.21 -16.36 25.63
C GLU A 499 12.95 -14.96 25.05
C GLU A 499 12.96 -14.97 25.04
N ILE A 500 13.87 -14.05 25.34
CA ILE A 500 13.76 -12.66 24.87
C ILE A 500 14.43 -12.52 23.50
N TYR A 501 13.69 -11.95 22.56
CA TYR A 501 14.18 -11.67 21.21
C TYR A 501 14.15 -10.16 20.95
N GLU A 502 15.18 -9.67 20.27
CA GLU A 502 15.12 -8.31 19.74
C GLU A 502 14.63 -8.37 18.30
N VAL A 503 13.47 -7.76 18.06
CA VAL A 503 12.86 -7.82 16.74
C VAL A 503 12.62 -6.43 16.16
N ALA A 504 12.68 -6.35 14.83
CA ALA A 504 12.36 -5.12 14.12
C ALA A 504 10.94 -5.19 13.58
N ILE A 505 10.22 -4.07 13.72
CA ILE A 505 8.91 -3.92 13.09
C ILE A 505 9.00 -2.79 12.08
N ASP A 506 8.73 -3.12 10.82
CA ASP A 506 8.73 -2.15 9.73
C ASP A 506 7.38 -1.45 9.76
N MET A 507 7.41 -0.15 10.07
CA MET A 507 6.18 0.64 10.24
C MET A 507 5.93 1.57 9.06
N LEU A 508 6.42 1.16 7.89
CA LEU A 508 6.22 1.88 6.63
C LEU A 508 6.78 3.31 6.71
N ALA A 509 5.96 4.32 6.46
CA ALA A 509 6.48 5.71 6.44
C ALA A 509 5.38 6.71 6.74
N THR A 510 5.78 7.91 7.11
CA THR A 510 4.84 9.01 7.32
C THR A 510 5.51 10.36 7.13
N SER A 511 4.70 11.41 7.09
CA SER A 511 5.19 12.78 7.22
C SER A 511 4.20 13.53 8.09
N ASN A 512 4.64 13.86 9.30
CA ASN A 512 3.78 14.53 10.25
C ASN A 512 4.55 15.47 11.15
N VAL A 513 4.07 16.70 11.27
CA VAL A 513 4.54 17.58 12.32
C VAL A 513 3.59 17.45 13.51
N PHE A 514 4.12 16.95 14.61
CA PHE A 514 3.42 16.91 15.88
C PHE A 514 3.53 18.31 16.47
N LEU A 515 2.41 19.02 16.51
CA LEU A 515 2.41 20.44 16.83
C LEU A 515 2.40 20.66 18.35
N PRO A 516 2.73 21.89 18.80
CA PRO A 516 2.64 22.16 20.24
C PRO A 516 1.24 21.80 20.77
N GLY A 517 1.21 21.22 21.97
CA GLY A 517 -0.06 20.76 22.55
C GLY A 517 -0.40 19.32 22.22
N HIS A 518 0.35 18.73 21.28
CA HIS A 518 0.15 17.32 20.91
C HIS A 518 1.10 16.40 21.68
N ARG A 519 0.84 15.10 21.62
CA ARG A 519 1.82 14.12 22.07
C ARG A 519 2.17 13.16 20.94
N ILE A 520 3.40 12.63 20.98
CA ILE A 520 3.77 11.47 20.16
C ILE A 520 3.43 10.24 20.98
N MET A 521 2.70 9.31 20.36
N MET A 521 2.67 9.32 20.38
CA MET A 521 2.23 8.12 21.05
CA MET A 521 2.32 8.07 21.06
C MET A 521 2.54 6.87 20.22
C MET A 521 2.64 6.86 20.17
N VAL A 522 2.85 5.78 20.91
N VAL A 522 3.00 5.76 20.81
CA VAL A 522 3.06 4.49 20.26
CA VAL A 522 3.05 4.47 20.12
C VAL A 522 2.15 3.45 20.93
C VAL A 522 2.20 3.44 20.87
N GLN A 523 1.43 2.67 20.11
CA GLN A 523 0.65 1.55 20.62
C GLN A 523 1.34 0.28 20.22
N VAL A 524 1.52 -0.63 21.18
CA VAL A 524 2.10 -1.94 20.90
C VAL A 524 1.08 -3.02 21.27
N SER A 525 0.96 -4.02 20.40
CA SER A 525 0.05 -5.14 20.66
C SER A 525 0.52 -6.39 19.91
N SER A 526 -0.37 -7.35 19.74
CA SER A 526 -0.04 -8.58 19.02
C SER A 526 -1.07 -8.93 17.94
N SER A 527 -1.92 -7.97 17.60
CA SER A 527 -2.91 -8.18 16.54
C SER A 527 -3.38 -6.85 15.97
N ASN A 528 -3.93 -6.92 14.76
CA ASN A 528 -4.46 -5.76 14.05
C ASN A 528 -5.30 -6.33 12.92
N PHE A 529 -6.52 -6.72 13.28
CA PHE A 529 -7.38 -7.53 12.43
C PHE A 529 -8.61 -6.75 11.96
N PRO A 530 -8.97 -6.87 10.65
CA PRO A 530 -8.42 -7.73 9.60
C PRO A 530 -7.40 -7.10 8.66
N LYS A 531 -6.78 -5.97 9.04
CA LYS A 531 -5.66 -5.45 8.25
C LYS A 531 -4.67 -6.59 8.01
N TYR A 532 -4.37 -7.32 9.08
CA TYR A 532 -3.53 -8.51 9.03
C TYR A 532 -4.29 -9.67 9.62
N ASP A 533 -4.05 -10.87 9.11
CA ASP A 533 -4.67 -12.04 9.72
C ASP A 533 -4.12 -12.26 11.13
N ARG A 534 -4.84 -13.05 11.93
N ARG A 534 -4.85 -13.06 11.91
CA ARG A 534 -4.48 -13.24 13.33
CA ARG A 534 -4.50 -13.31 13.31
C ARG A 534 -3.57 -14.46 13.51
C ARG A 534 -3.48 -14.43 13.39
N ASN A 535 -2.49 -14.27 14.26
CA ASN A 535 -1.59 -15.37 14.57
C ASN A 535 -2.31 -16.34 15.50
N SER A 536 -2.18 -17.63 15.19
CA SER A 536 -2.81 -18.69 15.97
C SER A 536 -2.04 -19.04 17.25
N ASN A 537 -0.81 -18.52 17.37
CA ASN A 537 0.06 -18.77 18.52
C ASN A 537 0.41 -20.25 18.72
N THR A 538 0.46 -21.00 17.62
CA THR A 538 0.74 -22.44 17.69
C THR A 538 2.02 -22.86 16.96
N GLY A 539 2.48 -22.03 16.02
CA GLY A 539 3.56 -22.42 15.13
C GLY A 539 3.08 -23.21 13.92
N GLY A 540 1.77 -23.39 13.81
CA GLY A 540 1.19 -24.19 12.73
C GLY A 540 0.99 -23.42 11.44
N VAL A 541 0.34 -24.06 10.47
CA VAL A 541 -0.03 -23.40 9.23
C VAL A 541 -1.30 -22.60 9.53
N ILE A 542 -1.11 -21.30 9.78
CA ILE A 542 -2.13 -20.44 10.34
C ILE A 542 -3.47 -20.47 9.59
N ALA A 543 -3.41 -20.39 8.27
CA ALA A 543 -4.62 -20.31 7.46
C ALA A 543 -5.40 -21.62 7.40
N ARG A 544 -4.82 -22.69 7.93
CA ARG A 544 -5.48 -24.00 7.91
C ARG A 544 -6.05 -24.38 9.27
N GLU A 545 -5.83 -23.52 10.26
CA GLU A 545 -6.27 -23.80 11.63
C GLU A 545 -7.70 -23.35 11.92
N GLN A 546 -8.44 -24.20 12.62
CA GLN A 546 -9.72 -23.80 13.20
C GLN A 546 -9.46 -22.87 14.38
N LEU A 547 -10.37 -21.94 14.64
CA LEU A 547 -10.23 -21.05 15.79
C LEU A 547 -10.00 -21.82 17.10
N GLU A 548 -10.72 -22.92 17.26
CA GLU A 548 -10.60 -23.74 18.47
C GLU A 548 -9.21 -24.36 18.63
N GLU A 549 -8.51 -24.56 17.51
CA GLU A 549 -7.15 -25.13 17.51
C GLU A 549 -6.11 -24.12 17.95
N MET A 550 -6.46 -22.83 17.87
CA MET A 550 -5.53 -21.77 18.21
C MET A 550 -5.33 -21.65 19.72
N CYS A 551 -4.26 -20.99 20.12
CA CYS A 551 -3.94 -20.82 21.53
C CYS A 551 -3.88 -19.35 21.90
N THR A 552 -4.15 -19.04 23.17
CA THR A 552 -3.83 -17.71 23.67
C THR A 552 -2.33 -17.64 23.94
N ALA A 553 -1.78 -16.42 23.98
CA ALA A 553 -0.37 -16.24 24.30
C ALA A 553 -0.24 -15.14 25.33
N VAL A 554 0.62 -15.39 26.31
CA VAL A 554 1.01 -14.34 27.25
C VAL A 554 2.27 -13.72 26.67
N ASN A 555 2.13 -12.48 26.19
CA ASN A 555 3.21 -11.79 25.50
C ASN A 555 3.75 -10.67 26.36
N ARG A 556 5.03 -10.36 26.19
N ARG A 556 5.05 -10.40 26.23
CA ARG A 556 5.71 -9.43 27.08
CA ARG A 556 5.73 -9.43 27.08
C ARG A 556 6.65 -8.52 26.31
C ARG A 556 6.63 -8.50 26.27
N ILE A 557 6.58 -7.22 26.62
CA ILE A 557 7.49 -6.23 26.07
C ILE A 557 8.46 -5.85 27.18
N HIS A 558 9.75 -6.01 26.92
CA HIS A 558 10.80 -5.71 27.89
C HIS A 558 11.39 -4.33 27.59
N ARG A 559 11.62 -3.54 28.63
CA ARG A 559 12.10 -2.18 28.48
C ARG A 559 12.98 -1.77 29.64
N GLY A 560 14.11 -1.16 29.33
CA GLY A 560 15.06 -0.69 30.34
C GLY A 560 16.44 -0.57 29.75
N PRO A 561 17.46 -0.42 30.62
CA PRO A 561 18.83 -0.22 30.12
C PRO A 561 19.41 -1.41 29.35
N GLU A 562 19.06 -2.63 29.76
CA GLU A 562 19.58 -3.83 29.09
C GLU A 562 18.69 -4.30 27.93
N HIS A 563 17.45 -3.82 27.91
CA HIS A 563 16.51 -4.14 26.83
C HIS A 563 15.88 -2.84 26.34
N PRO A 564 16.67 -2.00 25.66
CA PRO A 564 16.20 -0.66 25.29
C PRO A 564 15.24 -0.64 24.09
N SER A 565 14.05 -1.23 24.28
CA SER A 565 12.99 -1.17 23.26
C SER A 565 12.71 0.27 22.89
N HIS A 566 12.56 0.52 21.59
CA HIS A 566 12.34 1.87 21.12
C HIS A 566 11.67 1.93 19.77
N ILE A 567 11.11 3.09 19.44
CA ILE A 567 10.73 3.40 18.07
C ILE A 567 11.80 4.30 17.47
N VAL A 568 12.15 4.07 16.21
CA VAL A 568 13.09 4.94 15.50
C VAL A 568 12.29 5.93 14.68
N LEU A 569 12.35 7.21 15.08
CA LEU A 569 11.64 8.26 14.35
C LEU A 569 12.57 9.04 13.43
N PRO A 570 12.17 9.21 12.15
CA PRO A 570 12.93 10.03 11.20
C PRO A 570 12.67 11.52 11.47
N ILE A 571 13.48 12.09 12.37
CA ILE A 571 13.30 13.48 12.80
C ILE A 571 13.85 14.47 11.78
N ILE A 572 13.04 15.47 11.44
CA ILE A 572 13.44 16.55 10.56
C ILE A 572 13.38 17.84 11.38
N LYS A 573 14.47 18.59 11.40
CA LYS A 573 14.50 19.86 12.09
C LYS A 573 14.71 20.97 11.06
N ARG A 574 13.73 21.86 10.96
N ARG A 574 13.80 21.94 11.04
CA ARG A 574 13.70 22.93 9.95
CA ARG A 574 14.01 23.14 10.22
C ARG A 574 13.52 24.28 10.62
C ARG A 574 13.67 24.39 11.01
N LYS A 575 14.62 25.04 10.68
N LYS A 575 14.19 25.53 10.55
CA LYS A 575 14.62 26.31 11.41
CA LYS A 575 14.03 26.78 11.27
C LYS A 575 14.52 27.51 10.47
C LYS A 575 14.11 27.98 10.33
CL CL B . -8.83 17.87 11.79
CL CL C . -4.79 -17.68 -21.39
CL CL D . 16.39 17.34 4.69
CL CL E . -0.41 23.43 0.59
O4 DBC F . -6.30 -1.71 -8.62
C5 DBC F . -5.59 -1.86 -7.38
O3 DBC F . -6.45 -2.15 -6.20
O2 DBC F . -4.68 -2.97 -7.44
C2 DBC F . -4.66 -3.66 -6.21
C1 DBC F . -4.38 -5.13 -6.50
S1 DBC F . -2.67 -5.38 -7.05
C3 DBC F . -6.03 -3.37 -5.60
C4 DBC F . -6.01 -3.13 -4.09
S4 DBC F . -5.59 -4.60 -3.13
C1 GOL G . -18.25 -1.84 5.12
O1 GOL G . -18.18 -1.07 6.31
C2 GOL G . -16.94 -2.59 4.88
O2 GOL G . -15.92 -1.66 4.57
C3 GOL G . -16.59 -3.33 6.16
O3 GOL G . -15.83 -4.48 5.85
C1 GOL H . -7.78 -19.58 21.65
O1 GOL H . -7.90 -20.49 22.72
C2 GOL H . -9.14 -19.01 21.26
O2 GOL H . -9.69 -18.34 22.37
C3 GOL H . -10.06 -20.14 20.80
O3 GOL H . -11.41 -19.70 20.83
C1 GOL I . 1.15 17.36 -5.91
O1 GOL I . 0.74 18.25 -4.88
C2 GOL I . 0.86 18.00 -7.27
O2 GOL I . 1.53 19.24 -7.36
C3 GOL I . 1.35 17.07 -8.35
O3 GOL I . 0.51 15.94 -8.43
S SO4 J . 11.47 4.44 33.50
O1 SO4 J . 11.27 3.00 33.56
O2 SO4 J . 11.32 4.89 32.12
O3 SO4 J . 12.82 4.75 33.96
O4 SO4 J . 10.49 5.11 34.34
CL CL K . 7.18 -13.78 35.34
CL CL L . -15.43 -22.08 -15.08
CL CL M . 18.13 -11.13 27.57
CL CL N . -6.35 2.86 -38.63
C1 GOL O . -11.20 0.69 -10.42
O1 GOL O . -12.37 -0.02 -10.06
C2 GOL O . -10.10 0.32 -9.45
O2 GOL O . -10.50 0.66 -8.14
C3 GOL O . -8.79 1.05 -9.77
O3 GOL O . -7.83 0.67 -8.81
C1 GOL P . -0.53 -22.94 24.70
C1 GOL P . 0.48 -23.23 24.59
O1 GOL P . -1.54 -23.31 25.61
O1 GOL P . -0.19 -24.10 25.47
C2 GOL P . 0.53 -22.06 25.37
C2 GOL P . 0.21 -21.79 25.02
O2 GOL P . -0.02 -21.31 26.43
O2 GOL P . -1.18 -21.55 25.04
C3 GOL P . 1.14 -21.14 24.31
C3 GOL P . 0.88 -20.84 24.05
O3 GOL P . 0.73 -19.80 24.52
O3 GOL P . 0.82 -19.53 24.58
#